data_4GTC
#
_entry.id   4GTC
#
_cell.length_a   54.130
_cell.length_b   117.060
_cell.length_c   142.070
_cell.angle_alpha   90.00
_cell.angle_beta   90.00
_cell.angle_gamma   90.00
#
_symmetry.space_group_name_H-M   'P 21 21 21'
#
loop_
_entity.id
_entity.type
_entity.pdbx_description
1 polymer 'Thymidylate synthase thyX'
2 non-polymer 'FLAVIN-ADENINE DINUCLEOTIDE'
3 water water
#
_entity_poly.entity_id   1
_entity_poly.type   'polypeptide(L)'
_entity_poly.pdbx_seq_one_letter_code
;MGSDKIHHHHHHMKIDILDKGFVELVDVMGNDLSAVRAARVSFDMGLKDEERDRHLIEYLMKHGHETPFEHIVFTFHVKA
PIFVARQWFRHRIASYNELSGRYSKLSYEFYIPSPERLEGYKTTIPPERVTEKISEIVDKAYRTYLELIESGVPRRVARI
VLPLNLYTRFFWTVNARSLMNFLNLRADSHAQWEIQQYALAIARIFKEKCPWTFEAFLKYAYKGDILKEVQV
;
_entity_poly.pdbx_strand_id   A,B,C,D
#
loop_
_chem_comp.id
_chem_comp.type
_chem_comp.name
_chem_comp.formula
FAD non-polymer 'FLAVIN-ADENINE DINUCLEOTIDE' 'C27 H33 N9 O15 P2'
#
# COMPACT_ATOMS: atom_id res chain seq x y z
N HIS A 10 -13.29 23.03 -15.93
CA HIS A 10 -11.97 23.47 -15.40
C HIS A 10 -12.02 23.33 -13.87
N HIS A 11 -11.01 22.67 -13.29
CA HIS A 11 -10.86 22.57 -11.83
C HIS A 11 -9.73 23.46 -11.31
N HIS A 12 -10.09 24.38 -10.43
CA HIS A 12 -9.11 25.16 -9.71
C HIS A 12 -9.78 25.87 -8.55
N MET A 13 -9.25 25.64 -7.37
CA MET A 13 -9.72 26.26 -6.17
C MET A 13 -8.48 26.47 -5.29
N LYS A 14 -8.53 27.50 -4.46
CA LYS A 14 -7.47 27.84 -3.52
C LYS A 14 -8.13 28.41 -2.25
N ILE A 15 -7.83 27.81 -1.11
CA ILE A 15 -8.29 28.29 0.20
C ILE A 15 -7.06 28.62 1.01
N ASP A 16 -7.02 29.85 1.54
CA ASP A 16 -5.91 30.31 2.37
C ASP A 16 -6.08 29.80 3.80
N ILE A 17 -4.99 29.32 4.41
CA ILE A 17 -5.00 28.67 5.72
C ILE A 17 -3.79 29.19 6.51
N LEU A 18 -4.04 29.50 7.78
CA LEU A 18 -3.05 30.13 8.69
C LEU A 18 -2.63 31.50 8.14
N ASP A 19 -1.45 31.98 8.45
CA ASP A 19 -1.04 33.29 8.01
C ASP A 19 -0.58 33.27 6.52
N LYS A 20 0.05 32.19 6.09
CA LYS A 20 0.73 32.12 4.77
C LYS A 20 0.45 30.82 4.02
N GLY A 21 -0.37 29.96 4.61
CA GLY A 21 -0.56 28.65 4.05
C GLY A 21 -1.65 28.63 3.02
N PHE A 22 -1.87 27.45 2.44
CA PHE A 22 -3.01 27.25 1.54
C PHE A 22 -3.15 25.79 1.14
N VAL A 23 -4.30 25.52 0.49
CA VAL A 23 -4.62 24.27 -0.14
C VAL A 23 -5.27 24.64 -1.48
N GLU A 24 -4.67 24.15 -2.55
CA GLU A 24 -4.99 24.54 -3.91
C GLU A 24 -5.33 23.23 -4.59
N LEU A 25 -6.49 23.22 -5.26
CA LEU A 25 -6.90 22.09 -6.09
C LEU A 25 -6.22 22.18 -7.45
N VAL A 26 -5.47 21.14 -7.76
CA VAL A 26 -4.69 21.10 -8.98
C VAL A 26 -5.45 20.39 -10.11
N ASP A 27 -6.06 19.24 -9.77
CA ASP A 27 -6.83 18.46 -10.71
C ASP A 27 -7.75 17.49 -9.98
N VAL A 28 -8.80 17.01 -10.66
CA VAL A 28 -9.66 15.98 -10.16
C VAL A 28 -9.95 15.00 -11.32
N MET A 29 -9.93 13.71 -11.02
CA MET A 29 -10.38 12.70 -11.93
C MET A 29 -11.70 12.21 -11.40
N GLY A 30 -12.74 12.42 -12.19
CA GLY A 30 -14.03 11.88 -11.86
C GLY A 30 -14.92 12.82 -11.11
N ASN A 31 -16.03 12.24 -10.69
CA ASN A 31 -17.11 12.92 -10.03
C ASN A 31 -17.88 11.82 -9.32
N ASP A 32 -18.98 12.13 -8.69
CA ASP A 32 -19.77 11.12 -7.94
C ASP A 32 -20.09 9.90 -8.83
N LEU A 33 -20.37 10.16 -10.10
CA LEU A 33 -20.79 9.08 -10.99
C LEU A 33 -19.66 8.14 -11.34
N SER A 34 -18.42 8.55 -11.11
CA SER A 34 -17.29 7.64 -11.32
C SER A 34 -17.39 6.46 -10.33
N ALA A 35 -17.90 6.71 -9.14
CA ALA A 35 -18.05 5.63 -8.18
C ALA A 35 -19.18 4.70 -8.62
N VAL A 36 -20.26 5.29 -9.12
CA VAL A 36 -21.39 4.49 -9.64
C VAL A 36 -20.94 3.65 -10.84
N ARG A 37 -20.27 4.27 -11.79
CA ARG A 37 -19.75 3.49 -12.93
C ARG A 37 -18.87 2.29 -12.46
N ALA A 38 -18.00 2.54 -11.50
CA ALA A 38 -17.08 1.51 -10.99
C ALA A 38 -17.83 0.36 -10.33
N ALA A 39 -18.79 0.69 -9.48
CA ALA A 39 -19.63 -0.30 -8.77
C ALA A 39 -20.40 -1.17 -9.75
N ARG A 40 -20.94 -0.57 -10.81
CA ARG A 40 -21.71 -1.30 -11.83
C ARG A 40 -20.85 -1.84 -12.97
N VAL A 41 -19.58 -1.44 -13.04
CA VAL A 41 -18.72 -1.68 -14.20
C VAL A 41 -19.46 -1.27 -15.52
N SER A 42 -19.75 0.01 -15.64
CA SER A 42 -20.64 0.54 -16.67
C SER A 42 -20.27 1.97 -16.99
N PHE A 43 -20.90 2.50 -18.05
CA PHE A 43 -20.73 3.92 -18.46
C PHE A 43 -21.99 4.78 -18.29
N ASP A 44 -22.80 4.47 -17.27
CA ASP A 44 -23.96 5.31 -16.89
C ASP A 44 -23.51 6.76 -16.63
N MET A 45 -24.33 7.74 -17.03
CA MET A 45 -23.93 9.15 -16.96
C MET A 45 -24.88 10.08 -16.20
N GLY A 46 -25.89 9.50 -15.53
CA GLY A 46 -26.66 10.19 -14.50
C GLY A 46 -28.12 10.35 -14.87
N ASP A 49 -32.35 9.13 -14.15
CA ASP A 49 -31.78 8.08 -13.31
C ASP A 49 -31.01 8.61 -12.10
N GLU A 50 -31.28 9.85 -11.72
CA GLU A 50 -30.55 10.49 -10.62
C GLU A 50 -30.89 9.88 -9.25
N GLU A 51 -32.17 9.63 -9.04
CA GLU A 51 -32.67 8.99 -7.82
C GLU A 51 -31.88 7.70 -7.54
N ARG A 52 -31.75 6.89 -8.59
CA ARG A 52 -31.15 5.57 -8.51
C ARG A 52 -29.62 5.65 -8.30
N ASP A 53 -28.96 6.62 -8.92
CA ASP A 53 -27.52 6.75 -8.72
C ASP A 53 -27.23 7.31 -7.32
N ARG A 54 -28.04 8.25 -6.84
CA ARG A 54 -27.80 8.75 -5.50
C ARG A 54 -28.03 7.66 -4.47
N HIS A 55 -29.05 6.85 -4.70
CA HIS A 55 -29.40 5.78 -3.78
C HIS A 55 -28.27 4.77 -3.69
N LEU A 56 -27.62 4.50 -4.82
CA LEU A 56 -26.44 3.62 -4.84
C LEU A 56 -25.24 4.20 -4.07
N ILE A 57 -25.03 5.51 -4.18
CA ILE A 57 -23.98 6.17 -3.43
C ILE A 57 -24.23 6.00 -1.91
N GLU A 58 -25.44 6.31 -1.47
CA GLU A 58 -25.78 6.10 -0.07
C GLU A 58 -25.58 4.63 0.30
N TYR A 59 -26.11 3.76 -0.55
CA TYR A 59 -25.96 2.32 -0.33
C TYR A 59 -24.51 1.86 -0.12
N LEU A 60 -23.61 2.24 -1.03
CA LEU A 60 -22.22 1.88 -0.92
C LEU A 60 -21.61 2.40 0.38
N MET A 61 -22.03 3.60 0.74
CA MET A 61 -21.42 4.28 1.86
C MET A 61 -21.87 3.66 3.20
N LYS A 62 -23.18 3.58 3.43
CA LYS A 62 -23.82 2.82 4.52
C LYS A 62 -23.23 1.44 4.87
N HIS A 63 -22.97 0.64 3.85
CA HIS A 63 -22.51 -0.74 4.03
C HIS A 63 -20.98 -0.89 3.96
N GLY A 64 -20.23 0.22 3.92
CA GLY A 64 -18.78 0.13 3.93
C GLY A 64 -18.16 -0.42 2.63
N HIS A 65 -18.94 -0.45 1.55
CA HIS A 65 -18.42 -0.79 0.26
C HIS A 65 -17.72 0.40 -0.38
N GLU A 66 -16.52 0.71 0.09
CA GLU A 66 -15.85 1.94 -0.28
C GLU A 66 -14.95 1.82 -1.50
N THR A 67 -14.71 0.61 -1.99
CA THR A 67 -13.76 0.49 -3.12
C THR A 67 -14.17 1.34 -4.35
N PRO A 68 -15.46 1.45 -4.66
CA PRO A 68 -15.80 2.33 -5.83
C PRO A 68 -15.33 3.79 -5.74
N PHE A 69 -15.15 4.27 -4.52
CA PHE A 69 -14.76 5.67 -4.25
C PHE A 69 -13.27 5.85 -4.47
N GLU A 70 -12.58 4.74 -4.64
CA GLU A 70 -11.17 4.79 -5.01
C GLU A 70 -10.95 5.27 -6.44
N HIS A 71 -11.99 5.28 -7.25
CA HIS A 71 -11.89 5.66 -8.66
C HIS A 71 -12.15 7.15 -8.85
N ILE A 72 -12.33 7.85 -7.74
CA ILE A 72 -12.33 9.29 -7.74
C ILE A 72 -11.00 9.76 -7.12
N VAL A 73 -10.29 10.63 -7.85
CA VAL A 73 -8.98 11.06 -7.49
C VAL A 73 -8.75 12.56 -7.55
N PHE A 74 -8.06 13.10 -6.54
CA PHE A 74 -7.69 14.53 -6.44
C PHE A 74 -6.20 14.71 -6.37
N THR A 75 -5.69 15.77 -7.01
CA THR A 75 -4.37 16.25 -6.78
C THR A 75 -4.46 17.63 -6.12
N PHE A 76 -3.84 17.77 -4.95
CA PHE A 76 -3.75 19.06 -4.24
C PHE A 76 -2.32 19.60 -4.19
N HIS A 77 -2.19 20.93 -4.10
CA HIS A 77 -0.95 21.62 -3.81
C HIS A 77 -1.17 22.29 -2.43
N VAL A 78 -0.38 21.86 -1.46
CA VAL A 78 -0.48 22.29 -0.08
C VAL A 78 0.79 23.03 0.35
N LYS A 79 0.58 24.18 0.96
CA LYS A 79 1.61 24.94 1.64
C LYS A 79 1.29 24.89 3.13
N ALA A 80 2.14 24.25 3.93
CA ALA A 80 1.83 24.10 5.34
C ALA A 80 3.09 24.07 6.20
N PRO A 81 2.96 24.44 7.49
CA PRO A 81 4.18 24.25 8.30
C PRO A 81 4.64 22.79 8.40
N ILE A 82 5.94 22.61 8.63
CA ILE A 82 6.50 21.25 8.70
C ILE A 82 5.78 20.42 9.77
N PHE A 83 5.44 21.00 10.93
CA PHE A 83 4.75 20.21 11.93
C PHE A 83 3.37 19.66 11.43
N VAL A 84 2.76 20.38 10.52
CA VAL A 84 1.50 19.94 9.91
C VAL A 84 1.83 18.90 8.86
N ALA A 85 2.83 19.18 8.03
CA ALA A 85 3.14 18.24 7.00
C ALA A 85 3.54 16.89 7.56
N ARG A 86 4.10 16.82 8.76
CA ARG A 86 4.55 15.54 9.30
C ARG A 86 3.42 14.65 9.65
N GLN A 87 2.38 15.20 10.31
CA GLN A 87 1.20 14.40 10.59
C GLN A 87 0.46 14.02 9.29
N TRP A 88 0.36 14.95 8.36
CA TRP A 88 -0.22 14.73 7.00
C TRP A 88 0.42 13.54 6.23
N PHE A 89 1.74 13.53 6.20
CA PHE A 89 2.49 12.50 5.48
C PHE A 89 2.38 11.13 6.13
N ARG A 90 1.83 11.05 7.35
CA ARG A 90 1.56 9.75 7.95
C ARG A 90 0.51 8.94 7.17
N HIS A 91 -0.30 9.64 6.38
CA HIS A 91 -1.29 8.97 5.49
C HIS A 91 -0.61 8.26 4.32
N ARG A 92 -0.41 6.96 4.46
CA ARG A 92 0.41 6.19 3.50
C ARG A 92 -0.32 5.89 2.18
N ILE A 93 -1.65 5.91 2.14
CA ILE A 93 -2.32 5.48 0.90
C ILE A 93 -2.59 6.73 0.10
N ALA A 94 -1.54 7.17 -0.59
CA ALA A 94 -1.53 8.49 -1.22
C ALA A 94 -0.15 8.74 -1.80
N SER A 95 -0.07 9.78 -2.61
CA SER A 95 1.17 10.07 -3.32
C SER A 95 1.58 11.52 -2.98
N TYR A 96 2.86 11.71 -2.71
CA TYR A 96 3.39 12.98 -2.19
C TYR A 96 4.57 13.37 -3.00
N ASN A 97 4.71 14.65 -3.32
CA ASN A 97 6.00 15.13 -3.80
C ASN A 97 6.26 16.49 -3.16
N GLU A 98 7.32 16.60 -2.39
CA GLU A 98 7.62 17.80 -1.64
C GLU A 98 8.62 18.65 -2.40
N LEU A 99 8.48 19.95 -2.24
CA LEU A 99 9.37 20.92 -2.84
C LEU A 99 10.83 20.72 -2.42
N SER A 100 11.72 20.53 -3.40
CA SER A 100 13.13 20.58 -3.16
C SER A 100 13.73 21.69 -4.00
N GLY A 101 14.97 22.03 -3.69
CA GLY A 101 15.69 23.09 -4.41
C GLY A 101 16.33 22.63 -5.71
N ARG A 102 16.32 21.33 -5.96
CA ARG A 102 16.86 20.80 -7.22
C ARG A 102 16.05 21.29 -8.42
N TYR A 103 14.75 21.50 -8.25
CA TYR A 103 13.84 21.80 -9.37
C TYR A 103 13.15 23.17 -9.34
N SER A 104 13.36 23.94 -8.30
CA SER A 104 12.66 25.22 -8.15
C SER A 104 13.12 25.97 -6.91
N LYS A 105 12.61 27.19 -6.75
CA LYS A 105 13.11 28.08 -5.73
C LYS A 105 12.59 27.68 -4.37
N LEU A 106 13.52 27.64 -3.41
CA LEU A 106 13.20 27.45 -2.01
C LEU A 106 12.93 28.80 -1.39
N SER A 107 11.87 28.87 -0.59
CA SER A 107 11.54 30.10 0.11
C SER A 107 11.49 29.80 1.61
N TYR A 108 11.73 30.81 2.42
CA TYR A 108 11.80 30.62 3.87
C TYR A 108 10.81 31.49 4.57
N GLU A 109 9.69 30.91 4.95
CA GLU A 109 8.62 31.61 5.63
C GLU A 109 8.15 30.76 6.79
N PHE A 110 7.60 31.38 7.81
CA PHE A 110 7.31 30.65 9.04
C PHE A 110 5.93 30.92 9.54
N TYR A 111 5.33 29.94 10.20
CA TYR A 111 3.96 30.11 10.74
C TYR A 111 4.04 30.73 12.10
N ILE A 112 3.50 31.94 12.28
CA ILE A 112 3.45 32.58 13.58
C ILE A 112 2.01 32.63 14.04
N PRO A 113 1.65 31.93 15.13
CA PRO A 113 0.23 32.01 15.49
C PRO A 113 -0.22 33.37 15.94
N SER A 114 -1.50 33.64 15.73
CA SER A 114 -2.07 34.90 16.11
C SER A 114 -2.42 34.93 17.61
N PRO A 115 -2.49 36.13 18.18
CA PRO A 115 -2.99 36.36 19.54
C PRO A 115 -4.27 35.61 19.84
N GLU A 116 -5.26 35.73 18.96
CA GLU A 116 -6.60 35.15 19.14
C GLU A 116 -6.57 33.64 19.25
N ARG A 117 -5.66 33.04 18.50
CA ARG A 117 -5.43 31.61 18.56
C ARG A 117 -4.99 31.22 19.95
N LEU A 118 -4.32 32.14 20.64
CA LEU A 118 -3.64 31.89 21.92
C LEU A 118 -4.45 32.31 23.13
N GLU A 119 -5.37 33.27 22.94
CA GLU A 119 -6.56 33.36 23.79
C GLU A 119 -7.17 31.97 23.72
N GLY A 120 -8.14 31.69 24.58
CA GLY A 120 -8.53 30.32 24.84
C GLY A 120 -7.82 29.91 26.12
N TYR A 121 -6.49 29.96 26.10
CA TYR A 121 -5.72 29.50 27.25
C TYR A 121 -5.46 30.65 28.23
N LYS A 122 -5.44 30.34 29.51
CA LYS A 122 -5.27 31.39 30.53
C LYS A 122 -3.76 31.66 30.75
N THR A 123 -3.08 32.19 29.73
CA THR A 123 -1.62 32.30 29.81
C THR A 123 -1.15 33.44 30.75
N THR A 124 0.01 33.24 31.39
CA THR A 124 0.56 34.20 32.33
C THR A 124 1.16 35.43 31.65
N ILE A 125 1.12 35.48 30.32
CA ILE A 125 1.46 36.72 29.62
C ILE A 125 0.44 36.99 28.53
N PRO A 126 0.29 38.26 28.13
CA PRO A 126 -0.72 38.56 27.13
C PRO A 126 -0.44 37.78 25.85
N PRO A 127 -1.49 37.34 25.13
CA PRO A 127 -1.28 36.55 23.93
C PRO A 127 -0.35 37.19 22.90
N GLU A 128 -0.36 38.51 22.84
CA GLU A 128 0.51 39.24 21.90
C GLU A 128 2.00 39.00 22.22
N ARG A 129 2.34 38.97 23.51
CA ARG A 129 3.73 38.69 23.90
C ARG A 129 4.13 37.26 23.58
N VAL A 130 3.19 36.30 23.68
CA VAL A 130 3.46 34.93 23.27
C VAL A 130 3.78 34.90 21.79
N THR A 131 2.93 35.51 20.98
CA THR A 131 3.19 35.64 19.53
C THR A 131 4.58 36.27 19.22
N GLU A 132 4.91 37.32 19.96
CA GLU A 132 6.18 38.03 19.77
C GLU A 132 7.40 37.17 20.14
N LYS A 133 7.30 36.43 21.24
CA LYS A 133 8.37 35.53 21.63
C LYS A 133 8.62 34.48 20.56
N ILE A 134 7.55 33.99 19.93
CA ILE A 134 7.66 33.00 18.89
C ILE A 134 8.34 33.62 17.70
N SER A 135 7.92 34.82 17.31
CA SER A 135 8.55 35.55 16.19
C SER A 135 10.06 35.76 16.41
N GLU A 136 10.46 36.09 17.64
CA GLU A 136 11.87 36.42 17.94
C GLU A 136 12.78 35.18 17.85
N ILE A 137 12.32 34.06 18.40
CA ILE A 137 13.13 32.87 18.36
C ILE A 137 13.19 32.32 16.93
N VAL A 138 12.08 32.40 16.21
CA VAL A 138 12.09 32.05 14.77
C VAL A 138 13.09 32.91 13.98
N ASP A 139 13.02 34.21 14.19
CA ASP A 139 13.95 35.16 13.56
C ASP A 139 15.43 34.80 13.89
N LYS A 140 15.72 34.49 15.15
CA LYS A 140 17.08 34.13 15.57
C LYS A 140 17.56 32.85 14.88
N ALA A 141 16.69 31.85 14.83
CA ALA A 141 17.04 30.59 14.14
C ALA A 141 17.36 30.79 12.67
N TYR A 142 16.49 31.54 12.00
CA TYR A 142 16.61 31.83 10.60
C TYR A 142 17.93 32.58 10.29
N ARG A 143 18.22 33.62 11.09
CA ARG A 143 19.46 34.36 10.95
C ARG A 143 20.66 33.51 11.19
N THR A 144 20.55 32.57 12.13
CA THR A 144 21.60 31.60 12.35
C THR A 144 21.76 30.70 11.09
N TYR A 145 20.64 30.21 10.56
CA TYR A 145 20.66 29.45 9.30
C TYR A 145 21.40 30.21 8.18
N LEU A 146 21.07 31.48 7.99
CA LEU A 146 21.70 32.29 6.93
C LEU A 146 23.18 32.56 7.15
N GLU A 147 23.58 32.80 8.40
CA GLU A 147 24.98 32.95 8.77
C GLU A 147 25.78 31.66 8.47
N LEU A 148 25.20 30.49 8.71
CA LEU A 148 25.90 29.24 8.41
C LEU A 148 26.03 29.07 6.89
N ILE A 149 24.99 29.37 6.13
CA ILE A 149 25.08 29.31 4.67
C ILE A 149 26.17 30.25 4.12
N GLU A 150 26.31 31.45 4.69
CA GLU A 150 27.28 32.46 4.23
C GLU A 150 28.69 31.99 4.55
N SER A 151 28.81 31.17 5.59
CA SER A 151 30.10 30.62 6.00
C SER A 151 30.55 29.43 5.15
N GLY A 152 29.72 28.97 4.23
CA GLY A 152 30.05 27.80 3.43
C GLY A 152 29.49 26.48 3.96
N VAL A 153 28.58 26.53 4.92
CA VAL A 153 27.93 25.32 5.42
C VAL A 153 26.88 24.86 4.42
N PRO A 154 26.92 23.58 4.00
CA PRO A 154 25.89 23.09 3.09
C PRO A 154 24.51 23.23 3.69
N ARG A 155 23.56 23.55 2.83
CA ARG A 155 22.22 23.89 3.20
C ARG A 155 21.55 22.76 3.98
N ARG A 156 21.88 21.54 3.60
CA ARG A 156 21.28 20.32 4.19
C ARG A 156 21.69 20.13 5.66
N VAL A 157 22.83 20.70 6.03
CA VAL A 157 23.29 20.73 7.41
C VAL A 157 22.77 21.98 8.13
N ALA A 158 22.92 23.14 7.50
CA ALA A 158 22.57 24.40 8.16
C ALA A 158 21.12 24.40 8.53
N ARG A 159 20.29 23.80 7.67
CA ARG A 159 18.87 23.84 7.83
C ARG A 159 18.32 23.13 9.09
N ILE A 160 19.09 22.27 9.74
CA ILE A 160 18.62 21.55 10.95
C ILE A 160 18.38 22.49 12.15
N VAL A 161 18.79 23.76 12.06
CA VAL A 161 18.47 24.70 13.14
C VAL A 161 17.13 25.33 12.93
N LEU A 162 16.50 25.09 11.79
CA LEU A 162 15.24 25.76 11.51
C LEU A 162 14.12 25.09 12.29
N PRO A 163 13.16 25.89 12.73
CA PRO A 163 12.11 25.31 13.55
C PRO A 163 10.97 24.59 12.75
N LEU A 164 10.14 23.90 13.50
CA LEU A 164 9.13 23.07 12.95
C LEU A 164 7.96 23.85 12.35
N ASN A 165 7.87 25.15 12.64
CA ASN A 165 6.92 26.03 11.98
C ASN A 165 7.38 26.60 10.61
N LEU A 166 8.52 26.19 10.10
CA LEU A 166 8.91 26.46 8.71
C LEU A 166 7.89 25.85 7.70
N TYR A 167 7.41 26.67 6.78
CA TYR A 167 6.49 26.22 5.73
C TYR A 167 7.19 25.38 4.70
N THR A 168 6.50 24.34 4.23
CA THR A 168 6.98 23.56 3.09
C THR A 168 5.82 23.50 2.11
N ARG A 169 6.07 23.10 0.89
CA ARG A 169 4.99 22.76 -0.04
C ARG A 169 5.10 21.34 -0.61
N PHE A 170 3.94 20.78 -0.89
CA PHE A 170 3.91 19.52 -1.59
C PHE A 170 2.65 19.33 -2.44
N PHE A 171 2.76 18.44 -3.41
CA PHE A 171 1.63 17.93 -4.16
C PHE A 171 1.26 16.64 -3.48
N TRP A 172 -0.05 16.46 -3.34
CA TRP A 172 -0.67 15.28 -2.76
C TRP A 172 -1.75 14.79 -3.72
N THR A 173 -1.57 13.57 -4.23
CA THR A 173 -2.61 12.91 -5.02
C THR A 173 -3.18 11.78 -4.17
N VAL A 174 -4.50 11.73 -4.12
CA VAL A 174 -5.24 10.94 -3.17
C VAL A 174 -6.69 10.64 -3.68
N ASN A 175 -7.15 9.41 -3.46
CA ASN A 175 -8.47 8.98 -3.91
C ASN A 175 -9.47 9.27 -2.80
N ALA A 176 -10.74 9.35 -3.17
CA ALA A 176 -11.82 9.80 -2.29
C ALA A 176 -11.93 8.93 -1.06
N ARG A 177 -11.70 7.65 -1.24
CA ARG A 177 -11.76 6.74 -0.10
C ARG A 177 -10.70 7.07 0.96
N SER A 178 -9.45 7.22 0.52
CA SER A 178 -8.35 7.53 1.42
C SER A 178 -8.54 8.96 1.99
N LEU A 179 -9.21 9.82 1.24
CA LEU A 179 -9.48 11.18 1.69
C LEU A 179 -10.55 11.16 2.80
N MET A 180 -11.51 10.26 2.69
CA MET A 180 -12.49 10.10 3.79
C MET A 180 -11.84 9.59 5.05
N ASN A 181 -10.95 8.61 4.93
CA ASN A 181 -10.15 8.22 6.09
C ASN A 181 -9.28 9.40 6.65
N PHE A 182 -8.61 10.17 5.80
CA PHE A 182 -7.92 11.44 6.22
C PHE A 182 -8.81 12.42 7.02
N LEU A 183 -10.03 12.65 6.56
CA LEU A 183 -11.00 13.48 7.27
C LEU A 183 -11.55 12.89 8.58
N ASN A 184 -11.75 11.56 8.65
CA ASN A 184 -12.10 10.93 9.91
C ASN A 184 -11.10 11.22 11.02
N LEU A 185 -9.83 11.29 10.69
CA LEU A 185 -8.75 11.39 11.65
C LEU A 185 -8.34 12.83 11.94
N ARG A 186 -8.36 13.69 10.93
CA ARG A 186 -7.82 15.03 11.03
C ARG A 186 -8.93 16.05 11.24
N ALA A 187 -10.15 15.79 10.72
CA ALA A 187 -11.32 16.71 10.93
C ALA A 187 -12.10 16.37 12.20
N ASP A 188 -11.50 16.77 13.30
CA ASP A 188 -11.91 16.34 14.59
C ASP A 188 -11.39 17.33 15.62
N SER A 189 -12.24 17.66 16.59
CA SER A 189 -11.86 18.64 17.62
C SER A 189 -10.68 18.20 18.53
N HIS A 190 -10.20 16.95 18.40
CA HIS A 190 -9.00 16.51 19.14
C HIS A 190 -7.71 16.77 18.39
N ALA A 191 -7.75 16.77 17.06
CA ALA A 191 -6.57 17.07 16.27
C ALA A 191 -6.15 18.46 16.68
N GLN A 192 -4.86 18.76 16.54
CA GLN A 192 -4.42 20.11 16.72
C GLN A 192 -5.16 21.07 15.78
N TRP A 193 -5.46 22.27 16.28
CA TRP A 193 -6.23 23.27 15.58
C TRP A 193 -5.74 23.54 14.17
N GLU A 194 -4.42 23.69 14.00
CA GLU A 194 -3.81 23.93 12.67
C GLU A 194 -4.14 22.79 11.67
N ILE A 195 -4.15 21.54 12.18
CA ILE A 195 -4.53 20.33 11.42
C ILE A 195 -6.00 20.42 11.00
N GLN A 196 -6.85 20.82 11.93
CA GLN A 196 -8.27 20.90 11.64
C GLN A 196 -8.52 21.89 10.52
N GLN A 197 -7.74 22.98 10.50
CA GLN A 197 -7.95 24.05 9.50
C GLN A 197 -7.70 23.54 8.11
N TYR A 198 -6.62 22.78 7.96
CA TYR A 198 -6.30 22.15 6.72
C TYR A 198 -7.35 21.09 6.31
N ALA A 199 -7.72 20.23 7.24
CA ALA A 199 -8.81 19.27 7.01
C ALA A 199 -10.16 19.95 6.62
N LEU A 200 -10.46 21.12 7.16
CA LEU A 200 -11.66 21.85 6.74
C LEU A 200 -11.57 22.29 5.27
N ALA A 201 -10.39 22.70 4.83
CA ALA A 201 -10.17 23.10 3.42
C ALA A 201 -10.20 21.91 2.45
N ILE A 202 -9.63 20.80 2.85
CA ILE A 202 -9.74 19.59 2.07
C ILE A 202 -11.21 19.16 1.96
N ALA A 203 -11.96 19.24 3.04
CA ALA A 203 -13.35 18.87 3.06
C ALA A 203 -14.17 19.75 2.12
N ARG A 204 -13.95 21.06 2.22
CA ARG A 204 -14.61 22.04 1.43
C ARG A 204 -14.50 21.75 -0.07
N ILE A 205 -13.30 21.42 -0.53
CA ILE A 205 -13.03 21.09 -1.92
C ILE A 205 -13.69 19.76 -2.29
N PHE A 206 -13.58 18.78 -1.40
CA PHE A 206 -14.18 17.45 -1.62
C PHE A 206 -15.68 17.63 -1.84
N LYS A 207 -16.32 18.39 -0.98
CA LYS A 207 -17.75 18.68 -1.13
C LYS A 207 -18.10 19.38 -2.45
N GLU A 208 -17.29 20.35 -2.82
CA GLU A 208 -17.55 21.10 -4.02
C GLU A 208 -17.53 20.13 -5.18
N LYS A 209 -16.58 19.20 -5.18
CA LYS A 209 -16.36 18.35 -6.35
C LYS A 209 -17.13 17.04 -6.39
N CYS A 210 -17.49 16.52 -5.23
CA CYS A 210 -18.20 15.27 -5.12
C CYS A 210 -19.30 15.45 -4.11
N PRO A 211 -20.32 16.25 -4.44
CA PRO A 211 -21.33 16.55 -3.38
C PRO A 211 -22.13 15.35 -2.85
N TRP A 212 -22.43 14.37 -3.71
CA TRP A 212 -23.24 13.24 -3.25
C TRP A 212 -22.44 12.32 -2.34
N THR A 213 -21.20 12.06 -2.74
CA THR A 213 -20.24 11.24 -1.96
C THR A 213 -20.04 11.92 -0.59
N PHE A 214 -19.86 13.26 -0.60
CA PHE A 214 -19.58 14.00 0.62
C PHE A 214 -20.74 13.98 1.57
N GLU A 215 -21.94 14.21 1.08
CA GLU A 215 -23.12 14.21 1.91
C GLU A 215 -23.36 12.78 2.45
N ALA A 216 -22.97 11.76 1.68
CA ALA A 216 -23.20 10.38 2.11
C ALA A 216 -22.21 10.02 3.22
N PHE A 217 -21.00 10.53 3.03
CA PHE A 217 -19.90 10.37 3.99
C PHE A 217 -20.27 10.98 5.32
N LEU A 218 -20.79 12.22 5.30
CA LEU A 218 -21.26 12.88 6.53
C LEU A 218 -22.37 12.15 7.27
N LYS A 219 -23.30 11.59 6.51
CA LYS A 219 -24.42 10.91 7.08
C LYS A 219 -24.09 9.55 7.65
N TYR A 220 -23.30 8.77 6.93
CA TYR A 220 -23.14 7.35 7.25
C TYR A 220 -21.81 6.99 7.84
N ALA A 221 -20.73 7.57 7.31
CA ALA A 221 -19.39 7.12 7.64
C ALA A 221 -18.58 8.11 8.49
N TYR A 222 -18.77 9.41 8.32
CA TYR A 222 -17.91 10.38 9.02
C TYR A 222 -17.87 10.24 10.56
N LYS A 223 -16.67 10.04 11.11
CA LYS A 223 -16.53 9.81 12.57
C LYS A 223 -16.10 11.02 13.42
N GLY A 224 -15.55 12.06 12.79
CA GLY A 224 -15.25 13.30 13.51
C GLY A 224 -16.48 14.08 13.97
N ASP A 225 -16.24 15.31 14.43
CA ASP A 225 -17.30 16.22 14.89
C ASP A 225 -17.39 17.60 14.16
N ILE A 226 -16.27 18.16 13.71
CA ILE A 226 -16.25 19.55 13.21
C ILE A 226 -16.86 19.81 11.80
N LEU A 227 -16.94 18.79 10.95
CA LEU A 227 -17.57 18.93 9.62
C LEU A 227 -19.08 19.07 9.66
N LYS A 228 -19.69 18.61 10.74
CA LYS A 228 -21.15 18.75 10.97
C LYS A 228 -21.53 20.13 11.52
N GLU A 229 -20.60 21.09 11.48
CA GLU A 229 -20.73 22.37 12.20
C GLU A 229 -20.57 23.57 11.28
N HIS B 12 -14.21 6.55 -26.30
CA HIS B 12 -13.15 5.89 -25.45
C HIS B 12 -12.27 4.98 -26.31
N MET B 13 -10.97 5.22 -26.28
CA MET B 13 -10.00 4.35 -26.91
C MET B 13 -10.34 2.92 -26.49
N LYS B 14 -10.70 2.06 -27.46
CA LYS B 14 -10.94 0.66 -27.14
C LYS B 14 -10.17 -0.28 -28.06
N ILE B 15 -9.37 -1.15 -27.47
CA ILE B 15 -8.54 -2.06 -28.23
C ILE B 15 -9.05 -3.47 -27.97
N ASP B 16 -9.29 -4.22 -29.05
CA ASP B 16 -9.77 -5.60 -28.92
C ASP B 16 -8.57 -6.49 -28.72
N ILE B 17 -8.71 -7.46 -27.81
CA ILE B 17 -7.64 -8.37 -27.46
C ILE B 17 -8.23 -9.78 -27.36
N LEU B 18 -7.49 -10.76 -27.87
CA LEU B 18 -7.94 -12.16 -27.90
C LEU B 18 -9.23 -12.24 -28.75
N ASP B 19 -10.15 -13.16 -28.43
CA ASP B 19 -11.30 -13.39 -29.33
C ASP B 19 -12.52 -12.56 -28.96
N LYS B 20 -12.69 -12.34 -27.66
CA LYS B 20 -13.79 -11.52 -27.14
C LYS B 20 -13.36 -10.44 -26.15
N GLY B 21 -12.08 -10.29 -25.86
CA GLY B 21 -11.64 -9.36 -24.85
C GLY B 21 -11.43 -7.96 -25.33
N PHE B 22 -11.14 -7.07 -24.38
CA PHE B 22 -10.75 -5.69 -24.75
C PHE B 22 -10.11 -4.96 -23.60
N VAL B 23 -9.47 -3.84 -23.95
CA VAL B 23 -9.13 -2.80 -22.95
C VAL B 23 -9.69 -1.49 -23.49
N GLU B 24 -10.29 -0.74 -22.59
CA GLU B 24 -10.95 0.49 -22.93
C GLU B 24 -10.56 1.53 -21.85
N LEU B 25 -10.23 2.74 -22.28
CA LEU B 25 -9.93 3.84 -21.37
C LEU B 25 -11.19 4.55 -20.88
N VAL B 26 -11.41 4.56 -19.56
CA VAL B 26 -12.59 5.17 -18.96
C VAL B 26 -12.30 6.66 -18.70
N ASP B 27 -11.11 6.94 -18.16
CA ASP B 27 -10.81 8.30 -17.74
C ASP B 27 -9.34 8.40 -17.45
N VAL B 28 -8.80 9.61 -17.53
CA VAL B 28 -7.39 9.85 -17.32
C VAL B 28 -7.25 11.19 -16.58
N MET B 29 -6.42 11.23 -15.55
CA MET B 29 -6.08 12.49 -14.88
C MET B 29 -4.66 12.84 -15.26
N GLY B 30 -4.55 13.93 -16.01
CA GLY B 30 -3.31 14.51 -16.28
C GLY B 30 -2.69 14.06 -17.57
N ASN B 31 -1.43 14.42 -17.70
CA ASN B 31 -0.62 14.07 -18.87
C ASN B 31 0.82 14.27 -18.46
N ASP B 32 1.76 14.27 -19.41
CA ASP B 32 3.15 14.40 -19.02
C ASP B 32 3.40 15.61 -18.12
N LEU B 33 2.66 16.70 -18.33
CA LEU B 33 2.90 17.95 -17.59
C LEU B 33 2.47 17.81 -16.12
N SER B 34 1.55 16.89 -15.83
CA SER B 34 1.20 16.60 -14.43
C SER B 34 2.40 16.14 -13.59
N ALA B 35 3.27 15.33 -14.19
CA ALA B 35 4.52 14.89 -13.55
C ALA B 35 5.51 16.06 -13.42
N VAL B 36 5.53 16.91 -14.43
CA VAL B 36 6.42 18.08 -14.40
C VAL B 36 5.96 19.03 -13.27
N ARG B 37 4.66 19.28 -13.18
CA ARG B 37 4.15 20.17 -12.13
C ARG B 37 4.42 19.57 -10.74
N ALA B 38 4.21 18.26 -10.63
CA ALA B 38 4.44 17.55 -9.39
C ALA B 38 5.87 17.68 -8.97
N ALA B 39 6.82 17.56 -9.92
CA ALA B 39 8.23 17.61 -9.61
C ALA B 39 8.66 19.02 -9.16
N ARG B 40 8.13 20.03 -9.85
CA ARG B 40 8.48 21.37 -9.51
C ARG B 40 7.66 21.89 -8.34
N VAL B 41 6.61 21.16 -7.97
CA VAL B 41 5.66 21.59 -6.95
C VAL B 41 5.18 23.00 -7.27
N SER B 42 4.51 23.15 -8.40
CA SER B 42 4.08 24.45 -8.91
C SER B 42 2.91 24.24 -9.86
N PHE B 43 1.81 24.99 -9.68
CA PHE B 43 0.68 25.02 -10.62
C PHE B 43 1.04 26.05 -11.70
N ASP B 44 2.13 25.80 -12.42
CA ASP B 44 2.69 26.75 -13.42
C ASP B 44 4.01 26.21 -14.03
N ASP B 49 7.42 26.24 -22.50
CA ASP B 49 8.65 25.67 -23.07
C ASP B 49 8.57 24.14 -23.11
N GLU B 50 8.31 23.62 -24.30
CA GLU B 50 8.03 22.20 -24.50
C GLU B 50 9.26 21.31 -24.32
N GLU B 51 10.44 21.77 -24.75
CA GLU B 51 11.64 20.93 -24.66
C GLU B 51 12.28 20.91 -23.27
N ARG B 52 12.13 22.02 -22.56
CA ARG B 52 12.53 22.13 -21.16
C ARG B 52 11.79 21.07 -20.33
N ASP B 53 10.48 21.03 -20.51
CA ASP B 53 9.59 20.09 -19.83
C ASP B 53 9.82 18.62 -20.23
N ARG B 54 10.16 18.37 -21.49
CA ARG B 54 10.48 17.03 -21.97
C ARG B 54 11.82 16.57 -21.37
N HIS B 55 12.73 17.52 -21.23
CA HIS B 55 14.00 17.27 -20.61
C HIS B 55 13.90 16.87 -19.14
N LEU B 56 12.96 17.49 -18.40
CA LEU B 56 12.79 17.16 -17.01
C LEU B 56 12.20 15.75 -16.85
N ILE B 57 11.21 15.42 -17.67
CA ILE B 57 10.66 14.07 -17.70
C ILE B 57 11.77 13.03 -17.81
N GLU B 58 12.67 13.21 -18.79
CA GLU B 58 13.75 12.26 -19.03
C GLU B 58 14.72 12.19 -17.86
N TYR B 59 14.97 13.36 -17.26
CA TYR B 59 15.85 13.49 -16.10
C TYR B 59 15.30 12.71 -14.92
N LEU B 60 14.05 12.94 -14.58
CA LEU B 60 13.40 12.21 -13.50
C LEU B 60 13.51 10.68 -13.70
N MET B 61 13.18 10.23 -14.91
CA MET B 61 13.19 8.79 -15.23
C MET B 61 14.58 8.23 -15.16
N LYS B 62 15.54 8.96 -15.74
CA LYS B 62 16.93 8.58 -15.74
C LYS B 62 17.54 8.49 -14.35
N HIS B 63 17.22 9.44 -13.50
CA HIS B 63 17.80 9.45 -12.17
C HIS B 63 16.95 8.72 -11.12
N GLY B 64 15.88 8.05 -11.56
CA GLY B 64 15.06 7.27 -10.65
C GLY B 64 14.10 8.05 -9.76
N HIS B 65 13.89 9.33 -10.05
CA HIS B 65 12.90 10.11 -9.31
C HIS B 65 11.50 9.82 -9.88
N GLU B 66 10.87 8.74 -9.40
CA GLU B 66 9.63 8.24 -10.00
C GLU B 66 8.34 8.76 -9.39
N THR B 67 8.42 9.31 -8.18
CA THR B 67 7.24 9.78 -7.48
C THR B 67 6.36 10.80 -8.25
N PRO B 68 6.95 11.71 -9.07
CA PRO B 68 6.10 12.62 -9.84
C PRO B 68 5.17 11.91 -10.82
N PHE B 69 5.54 10.70 -11.25
CA PHE B 69 4.70 9.96 -12.19
C PHE B 69 3.50 9.35 -11.49
N GLU B 70 3.49 9.34 -10.16
CA GLU B 70 2.29 8.91 -9.41
C GLU B 70 1.10 9.88 -9.52
N HIS B 71 1.31 11.06 -10.08
CA HIS B 71 0.23 12.07 -10.11
C HIS B 71 -0.49 12.08 -11.48
N ILE B 72 -0.12 11.13 -12.34
CA ILE B 72 -0.83 10.75 -13.58
C ILE B 72 -1.59 9.45 -13.26
N VAL B 73 -2.92 9.48 -13.44
CA VAL B 73 -3.80 8.37 -13.05
C VAL B 73 -4.67 7.97 -14.24
N PHE B 74 -4.88 6.66 -14.44
CA PHE B 74 -5.78 6.13 -15.49
C PHE B 74 -6.82 5.24 -14.89
N THR B 75 -8.01 5.25 -15.48
CA THR B 75 -9.03 4.27 -15.15
C THR B 75 -9.27 3.46 -16.47
N PHE B 76 -9.03 2.15 -16.43
CA PHE B 76 -9.32 1.25 -17.54
C PHE B 76 -10.53 0.36 -17.26
N HIS B 77 -11.23 0.00 -18.35
CA HIS B 77 -12.29 -1.05 -18.34
C HIS B 77 -11.72 -2.22 -19.14
N VAL B 78 -11.58 -3.37 -18.51
CA VAL B 78 -10.88 -4.52 -19.11
C VAL B 78 -11.87 -5.68 -19.11
N LYS B 79 -11.98 -6.36 -20.24
CA LYS B 79 -12.72 -7.63 -20.31
C LYS B 79 -11.68 -8.69 -20.58
N ALA B 80 -11.49 -9.61 -19.66
CA ALA B 80 -10.42 -10.60 -19.82
C ALA B 80 -10.82 -11.92 -19.20
N PRO B 81 -10.22 -13.03 -19.68
CA PRO B 81 -10.44 -14.31 -19.04
C PRO B 81 -9.96 -14.32 -17.61
N ILE B 82 -10.58 -15.15 -16.79
CA ILE B 82 -10.28 -15.23 -15.38
C ILE B 82 -8.81 -15.60 -15.18
N PHE B 83 -8.28 -16.57 -15.92
CA PHE B 83 -6.84 -16.84 -15.68
C PHE B 83 -5.98 -15.60 -15.87
N VAL B 84 -6.39 -14.69 -16.75
CA VAL B 84 -5.62 -13.44 -16.99
C VAL B 84 -5.87 -12.43 -15.87
N ALA B 85 -7.11 -12.31 -15.44
CA ALA B 85 -7.51 -11.38 -14.38
C ALA B 85 -6.88 -11.70 -13.05
N ARG B 86 -6.69 -12.99 -12.76
CA ARG B 86 -5.99 -13.39 -11.54
C ARG B 86 -4.55 -12.96 -11.49
N GLN B 87 -3.84 -13.12 -12.60
CA GLN B 87 -2.46 -12.65 -12.68
C GLN B 87 -2.41 -11.12 -12.51
N TRP B 88 -3.33 -10.46 -13.19
CA TRP B 88 -3.45 -9.02 -13.17
C TRP B 88 -3.75 -8.49 -11.78
N PHE B 89 -4.65 -9.13 -11.06
CA PHE B 89 -5.09 -8.63 -9.78
C PHE B 89 -3.96 -8.75 -8.76
N ARG B 90 -2.88 -9.47 -9.09
CA ARG B 90 -1.78 -9.57 -8.19
C ARG B 90 -1.08 -8.21 -7.98
N HIS B 91 -1.30 -7.28 -8.90
CA HIS B 91 -0.75 -5.92 -8.80
C HIS B 91 -1.56 -5.11 -7.77
N ARG B 92 -1.05 -5.04 -6.55
CA ARG B 92 -1.69 -4.50 -5.37
C ARG B 92 -1.80 -2.98 -5.31
N ILE B 93 -0.93 -2.23 -6.01
CA ILE B 93 -0.93 -0.77 -5.91
C ILE B 93 -1.76 -0.26 -7.06
N ALA B 94 -3.04 -0.48 -6.89
CA ALA B 94 -4.10 -0.18 -7.88
C ALA B 94 -5.42 -0.35 -7.19
N SER B 95 -6.49 0.11 -7.84
CA SER B 95 -7.87 -0.06 -7.32
C SER B 95 -8.63 -0.85 -8.40
N TYR B 96 -9.38 -1.87 -7.97
CA TYR B 96 -10.17 -2.77 -8.83
C TYR B 96 -11.62 -2.84 -8.39
N ASN B 97 -12.53 -2.85 -9.37
CA ASN B 97 -13.90 -3.24 -9.14
C ASN B 97 -14.34 -4.22 -10.21
N GLU B 98 -14.70 -5.43 -9.81
CA GLU B 98 -15.09 -6.47 -10.73
C GLU B 98 -16.60 -6.61 -10.81
N LEU B 99 -17.11 -7.02 -11.97
CA LEU B 99 -18.56 -7.14 -12.17
C LEU B 99 -19.16 -8.15 -11.19
N SER B 100 -20.25 -7.81 -10.55
CA SER B 100 -20.85 -8.75 -9.59
C SER B 100 -22.18 -9.29 -10.04
N GLY B 101 -23.26 -8.52 -9.87
CA GLY B 101 -24.63 -9.04 -10.11
C GLY B 101 -25.60 -8.71 -8.99
N LEU B 106 -24.83 -10.01 -15.84
CA LEU B 106 -23.74 -10.96 -16.18
C LEU B 106 -23.95 -11.68 -17.51
N SER B 107 -22.89 -11.83 -18.31
CA SER B 107 -22.95 -12.65 -19.54
C SER B 107 -21.84 -13.72 -19.53
N TYR B 108 -21.97 -14.73 -20.39
CA TYR B 108 -21.07 -15.88 -20.37
C TYR B 108 -20.41 -16.14 -21.71
N GLU B 109 -19.17 -15.69 -21.82
CA GLU B 109 -18.31 -15.94 -22.94
C GLU B 109 -16.96 -16.51 -22.50
N PHE B 110 -16.32 -17.28 -23.38
CA PHE B 110 -15.13 -18.03 -23.04
C PHE B 110 -14.05 -17.80 -24.06
N TYR B 111 -12.80 -17.75 -23.62
CA TYR B 111 -11.72 -17.51 -24.54
C TYR B 111 -11.26 -18.83 -25.16
N ILE B 112 -11.39 -18.91 -26.47
CA ILE B 112 -10.97 -20.09 -27.20
C ILE B 112 -9.72 -19.73 -27.95
N PRO B 113 -8.56 -20.32 -27.57
CA PRO B 113 -7.31 -20.02 -28.27
C PRO B 113 -7.43 -20.34 -29.76
N SER B 114 -6.86 -19.49 -30.62
CA SER B 114 -6.76 -19.80 -32.07
C SER B 114 -5.79 -20.96 -32.32
N PRO B 115 -5.89 -21.61 -33.46
CA PRO B 115 -4.86 -22.57 -33.86
C PRO B 115 -3.42 -22.03 -33.81
N GLU B 116 -3.22 -20.80 -34.24
CA GLU B 116 -1.87 -20.25 -34.39
C GLU B 116 -1.22 -20.07 -33.03
N ARG B 117 -2.03 -19.78 -32.04
CA ARG B 117 -1.59 -19.76 -30.67
C ARG B 117 -0.90 -21.08 -30.26
N LEU B 118 -1.40 -22.20 -30.77
CA LEU B 118 -0.95 -23.54 -30.36
C LEU B 118 0.13 -24.12 -31.26
N GLU B 119 0.37 -23.49 -32.40
CA GLU B 119 1.51 -23.87 -33.23
C GLU B 119 2.76 -23.27 -32.58
N GLY B 120 3.87 -23.98 -32.72
CA GLY B 120 5.10 -23.63 -32.04
C GLY B 120 5.66 -24.87 -31.38
N TYR B 121 4.81 -25.59 -30.66
CA TYR B 121 5.18 -26.89 -30.09
C TYR B 121 4.73 -27.98 -31.02
N LYS B 122 5.61 -28.95 -31.22
CA LYS B 122 5.25 -30.21 -31.83
C LYS B 122 4.17 -30.85 -30.96
N THR B 123 2.93 -30.88 -31.46
CA THR B 123 1.85 -31.60 -30.80
C THR B 123 1.44 -32.84 -31.61
N THR B 124 0.83 -33.82 -30.93
CA THR B 124 0.45 -35.11 -31.54
C THR B 124 -0.82 -35.06 -32.37
N ILE B 125 -1.61 -34.01 -32.19
CA ILE B 125 -2.81 -33.79 -32.99
C ILE B 125 -2.72 -32.40 -33.60
N PRO B 126 -3.47 -32.14 -34.69
CA PRO B 126 -3.41 -30.82 -35.33
C PRO B 126 -3.96 -29.72 -34.42
N PRO B 127 -3.37 -28.51 -34.44
CA PRO B 127 -3.79 -27.42 -33.55
C PRO B 127 -5.29 -27.05 -33.65
N GLU B 128 -5.89 -27.27 -34.81
CA GLU B 128 -7.33 -27.03 -35.00
C GLU B 128 -8.19 -27.99 -34.16
N ARG B 129 -7.74 -29.24 -34.05
CA ARG B 129 -8.38 -30.23 -33.17
C ARG B 129 -8.31 -29.85 -31.69
N VAL B 130 -7.15 -29.37 -31.25
CA VAL B 130 -6.94 -28.94 -29.88
C VAL B 130 -7.90 -27.81 -29.52
N THR B 131 -7.99 -26.81 -30.41
CA THR B 131 -8.96 -25.72 -30.31
C THR B 131 -10.40 -26.23 -30.19
N GLU B 132 -10.74 -27.19 -31.03
CA GLU B 132 -12.06 -27.81 -30.99
C GLU B 132 -12.28 -28.56 -29.67
N LYS B 133 -11.25 -29.23 -29.17
CA LYS B 133 -11.37 -29.94 -27.89
C LYS B 133 -11.59 -28.98 -26.72
N ILE B 134 -10.95 -27.82 -26.75
CA ILE B 134 -11.18 -26.77 -25.75
C ILE B 134 -12.63 -26.30 -25.83
N SER B 135 -13.09 -26.03 -27.05
CA SER B 135 -14.46 -25.53 -27.24
C SER B 135 -15.52 -26.52 -26.72
N GLU B 136 -15.29 -27.81 -26.98
CA GLU B 136 -16.24 -28.85 -26.59
C GLU B 136 -16.37 -28.91 -25.07
N ILE B 137 -15.25 -28.97 -24.37
CA ILE B 137 -15.29 -29.05 -22.91
C ILE B 137 -15.91 -27.77 -22.29
N VAL B 138 -15.59 -26.61 -22.87
CA VAL B 138 -16.26 -25.35 -22.51
C VAL B 138 -17.76 -25.47 -22.62
N ASP B 139 -18.28 -25.89 -23.78
CA ASP B 139 -19.74 -26.10 -23.94
C ASP B 139 -20.37 -27.07 -22.95
N LYS B 140 -19.69 -28.19 -22.67
CA LYS B 140 -20.22 -29.17 -21.70
C LYS B 140 -20.33 -28.54 -20.30
N ALA B 141 -19.25 -27.89 -19.88
CA ALA B 141 -19.24 -27.20 -18.60
C ALA B 141 -20.34 -26.13 -18.49
N TYR B 142 -20.48 -25.30 -19.51
CA TYR B 142 -21.48 -24.24 -19.48
C TYR B 142 -22.88 -24.85 -19.45
N ARG B 143 -23.06 -25.92 -20.22
CA ARG B 143 -24.32 -26.66 -20.26
C ARG B 143 -24.64 -27.18 -18.85
N THR B 144 -23.65 -27.79 -18.20
CA THR B 144 -23.82 -28.27 -16.82
C THR B 144 -24.17 -27.11 -15.85
N TYR B 145 -23.48 -25.98 -15.98
CA TYR B 145 -23.83 -24.77 -15.21
C TYR B 145 -25.31 -24.39 -15.42
N LEU B 146 -25.76 -24.35 -16.68
CA LEU B 146 -27.15 -23.94 -16.96
C LEU B 146 -28.17 -24.94 -16.40
N GLU B 147 -27.88 -26.23 -16.47
CA GLU B 147 -28.79 -27.22 -15.86
C GLU B 147 -28.93 -27.05 -14.35
N LEU B 148 -27.81 -26.82 -13.67
CA LEU B 148 -27.82 -26.58 -12.23
C LEU B 148 -28.60 -25.32 -11.82
N ILE B 149 -28.48 -24.22 -12.56
CA ILE B 149 -29.29 -23.03 -12.29
C ILE B 149 -30.76 -23.34 -12.53
N GLU B 150 -31.03 -23.96 -13.68
CA GLU B 150 -32.36 -24.43 -14.03
C GLU B 150 -32.96 -25.26 -12.89
N SER B 151 -32.12 -26.05 -12.22
CA SER B 151 -32.56 -26.90 -11.11
C SER B 151 -32.76 -26.14 -9.78
N GLY B 152 -32.25 -24.92 -9.67
CA GLY B 152 -32.46 -24.10 -8.48
C GLY B 152 -31.24 -23.93 -7.60
N VAL B 153 -30.08 -24.34 -8.10
CA VAL B 153 -28.82 -24.19 -7.41
C VAL B 153 -28.41 -22.74 -7.50
N PRO B 154 -28.13 -22.09 -6.36
CA PRO B 154 -27.69 -20.68 -6.43
C PRO B 154 -26.49 -20.50 -7.35
N ARG B 155 -26.42 -19.34 -7.99
CA ARG B 155 -25.43 -19.06 -9.01
C ARG B 155 -24.01 -19.08 -8.50
N ARG B 156 -23.79 -18.66 -7.28
CA ARG B 156 -22.41 -18.60 -6.82
C ARG B 156 -21.89 -19.96 -6.30
N VAL B 157 -22.78 -20.94 -6.26
CA VAL B 157 -22.39 -22.34 -6.13
C VAL B 157 -22.25 -22.96 -7.53
N ALA B 158 -23.28 -22.85 -8.36
CA ALA B 158 -23.23 -23.44 -9.72
C ALA B 158 -22.01 -23.00 -10.53
N ARG B 159 -21.61 -21.75 -10.39
CA ARG B 159 -20.56 -21.21 -11.23
C ARG B 159 -19.22 -21.90 -11.05
N ILE B 160 -19.06 -22.71 -9.99
CA ILE B 160 -17.74 -23.29 -9.74
C ILE B 160 -17.28 -24.33 -10.77
N VAL B 161 -18.20 -24.83 -11.60
CA VAL B 161 -17.86 -25.78 -12.64
C VAL B 161 -17.37 -25.09 -13.92
N LEU B 162 -17.46 -23.76 -13.97
CA LEU B 162 -17.05 -23.06 -15.20
C LEU B 162 -15.56 -22.95 -15.25
N PRO B 163 -14.99 -23.05 -16.46
CA PRO B 163 -13.54 -23.03 -16.57
C PRO B 163 -12.95 -21.63 -16.42
N LEU B 164 -11.62 -21.64 -16.33
CA LEU B 164 -10.81 -20.48 -16.03
C LEU B 164 -10.69 -19.53 -17.20
N ASN B 165 -11.11 -19.99 -18.39
CA ASN B 165 -11.16 -19.14 -19.58
C ASN B 165 -12.46 -18.35 -19.70
N LEU B 166 -13.35 -18.42 -18.71
CA LEU B 166 -14.51 -17.51 -18.61
C LEU B 166 -14.09 -16.01 -18.56
N TYR B 167 -14.71 -15.20 -19.38
CA TYR B 167 -14.37 -13.78 -19.36
C TYR B 167 -15.05 -13.13 -18.18
N THR B 168 -14.38 -12.11 -17.63
CA THR B 168 -14.92 -11.24 -16.60
C THR B 168 -14.62 -9.80 -17.06
N ARG B 169 -15.23 -8.84 -16.35
CA ARG B 169 -14.98 -7.41 -16.58
C ARG B 169 -14.65 -6.70 -15.27
N PHE B 170 -13.71 -5.78 -15.37
CA PHE B 170 -13.33 -5.00 -14.21
C PHE B 170 -12.92 -3.60 -14.57
N PHE B 171 -13.11 -2.65 -13.63
CA PHE B 171 -12.45 -1.31 -13.77
C PHE B 171 -11.17 -1.37 -13.01
N TRP B 172 -10.16 -0.68 -13.55
CA TRP B 172 -8.85 -0.64 -12.95
C TRP B 172 -8.32 0.80 -12.94
N THR B 173 -8.09 1.35 -11.76
CA THR B 173 -7.56 2.69 -11.56
C THR B 173 -6.14 2.54 -11.03
N VAL B 174 -5.19 3.08 -11.80
CA VAL B 174 -3.79 2.90 -11.52
C VAL B 174 -2.98 4.14 -11.92
N ASN B 175 -1.95 4.49 -11.13
CA ASN B 175 -1.13 5.65 -11.52
C ASN B 175 -0.01 5.22 -12.46
N ALA B 176 0.63 6.18 -13.12
CA ALA B 176 1.63 5.89 -14.16
C ALA B 176 2.84 5.15 -13.66
N ARG B 177 3.31 5.47 -12.46
CA ARG B 177 4.40 4.71 -11.87
C ARG B 177 4.09 3.24 -11.67
N SER B 178 2.93 2.95 -11.11
CA SER B 178 2.52 1.57 -10.92
C SER B 178 2.20 0.90 -12.25
N LEU B 179 1.75 1.70 -13.21
CA LEU B 179 1.47 1.25 -14.56
C LEU B 179 2.76 0.75 -15.17
N MET B 180 3.86 1.49 -14.97
CA MET B 180 5.17 1.09 -15.49
C MET B 180 5.73 -0.16 -14.82
N ASN B 181 5.53 -0.31 -13.51
CA ASN B 181 5.90 -1.59 -12.88
C ASN B 181 5.11 -2.75 -13.52
N PHE B 182 3.80 -2.57 -13.73
CA PHE B 182 2.93 -3.58 -14.36
C PHE B 182 3.44 -3.95 -15.75
N LEU B 183 3.83 -2.96 -16.53
CA LEU B 183 4.44 -3.24 -17.87
C LEU B 183 5.80 -3.92 -17.77
N ASN B 184 6.59 -3.54 -16.77
CA ASN B 184 7.88 -4.24 -16.60
C ASN B 184 7.69 -5.73 -16.48
N LEU B 185 6.62 -6.14 -15.82
CA LEU B 185 6.38 -7.55 -15.52
C LEU B 185 5.54 -8.30 -16.55
N ARG B 186 4.53 -7.64 -17.09
CA ARG B 186 3.56 -8.29 -18.01
C ARG B 186 3.88 -8.07 -19.50
N ALA B 187 4.48 -6.94 -19.84
CA ALA B 187 4.85 -6.65 -21.23
C ALA B 187 6.24 -7.21 -21.39
N ASP B 188 6.30 -8.55 -21.35
CA ASP B 188 7.56 -9.28 -21.32
C ASP B 188 7.41 -10.75 -21.80
N SER B 189 8.45 -11.29 -22.43
CA SER B 189 8.41 -12.66 -22.97
C SER B 189 8.19 -13.78 -21.92
N HIS B 190 8.36 -13.47 -20.63
CA HIS B 190 8.26 -14.49 -19.58
C HIS B 190 6.82 -14.62 -19.09
N ALA B 191 6.04 -13.57 -19.24
CA ALA B 191 4.63 -13.65 -18.91
C ALA B 191 3.96 -14.48 -20.00
N GLN B 192 2.80 -15.02 -19.66
CA GLN B 192 1.99 -15.80 -20.58
C GLN B 192 1.53 -14.91 -21.75
N TRP B 193 1.41 -15.51 -22.93
CA TRP B 193 1.21 -14.76 -24.17
C TRP B 193 -0.02 -13.88 -24.08
N GLU B 194 -1.06 -14.40 -23.45
CA GLU B 194 -2.31 -13.68 -23.28
C GLU B 194 -2.20 -12.40 -22.47
N ILE B 195 -1.59 -12.42 -21.27
CA ILE B 195 -1.43 -11.16 -20.55
C ILE B 195 -0.45 -10.23 -21.29
N GLN B 196 0.50 -10.78 -22.01
CA GLN B 196 1.36 -9.96 -22.90
C GLN B 196 0.46 -9.11 -23.83
N GLN B 197 -0.59 -9.71 -24.42
CA GLN B 197 -1.47 -8.99 -25.35
C GLN B 197 -2.18 -7.84 -24.68
N TYR B 198 -2.65 -8.05 -23.45
CA TYR B 198 -3.32 -7.00 -22.72
C TYR B 198 -2.38 -5.87 -22.31
N ALA B 199 -1.14 -6.25 -21.97
CA ALA B 199 -0.07 -5.29 -21.60
C ALA B 199 0.34 -4.42 -22.78
N LEU B 200 0.44 -4.99 -23.98
CA LEU B 200 0.74 -4.18 -25.17
C LEU B 200 -0.33 -3.08 -25.43
N ALA B 201 -1.59 -3.44 -25.21
CA ALA B 201 -2.77 -2.55 -25.34
C ALA B 201 -2.82 -1.44 -24.28
N ILE B 202 -2.53 -1.81 -23.03
CA ILE B 202 -2.33 -0.86 -21.94
C ILE B 202 -1.20 0.09 -22.27
N ALA B 203 -0.11 -0.44 -22.81
CA ALA B 203 1.00 0.38 -23.28
C ALA B 203 0.62 1.35 -24.41
N ARG B 204 -0.12 0.84 -25.40
CA ARG B 204 -0.56 1.70 -26.49
C ARG B 204 -1.33 2.91 -25.98
N ILE B 205 -2.25 2.72 -25.04
CA ILE B 205 -3.01 3.82 -24.48
C ILE B 205 -2.11 4.75 -23.64
N PHE B 206 -1.19 4.18 -22.89
CA PHE B 206 -0.32 4.98 -22.03
C PHE B 206 0.52 5.93 -22.90
N LYS B 207 1.13 5.38 -23.93
CA LYS B 207 1.89 6.14 -24.90
C LYS B 207 1.05 7.22 -25.60
N GLU B 208 -0.18 6.92 -25.98
CA GLU B 208 -1.02 7.94 -26.61
C GLU B 208 -1.24 9.16 -25.65
N LYS B 209 -1.51 8.88 -24.37
CA LYS B 209 -1.83 9.93 -23.41
C LYS B 209 -0.60 10.60 -22.76
N CYS B 210 0.51 9.85 -22.67
CA CYS B 210 1.72 10.38 -22.05
C CYS B 210 2.93 10.06 -22.90
N PRO B 211 2.96 10.57 -24.13
CA PRO B 211 4.03 10.17 -25.03
C PRO B 211 5.40 10.36 -24.40
N TRP B 212 5.64 11.48 -23.72
CA TRP B 212 6.96 11.75 -23.15
C TRP B 212 7.28 10.80 -21.98
N THR B 213 6.34 10.57 -21.08
CA THR B 213 6.64 9.63 -20.00
C THR B 213 6.98 8.26 -20.55
N PHE B 214 6.15 7.79 -21.49
CA PHE B 214 6.33 6.47 -22.07
C PHE B 214 7.66 6.30 -22.82
N GLU B 215 8.06 7.28 -23.62
CA GLU B 215 9.36 7.22 -24.34
C GLU B 215 10.54 7.16 -23.35
N ALA B 216 10.49 8.04 -22.33
CA ALA B 216 11.43 8.08 -21.22
C ALA B 216 11.51 6.72 -20.50
N PHE B 217 10.34 6.14 -20.22
CA PHE B 217 10.22 4.82 -19.63
C PHE B 217 10.98 3.76 -20.44
N LEU B 218 10.73 3.62 -21.75
CA LEU B 218 11.49 2.68 -22.61
C LEU B 218 12.99 2.92 -22.60
N LYS B 219 13.33 4.20 -22.63
CA LYS B 219 14.72 4.55 -22.84
C LYS B 219 15.48 4.31 -21.54
N TYR B 220 14.83 4.49 -20.39
CA TYR B 220 15.56 4.46 -19.10
C TYR B 220 15.15 3.43 -18.03
N ALA B 221 13.87 3.09 -17.90
CA ALA B 221 13.41 2.35 -16.71
C ALA B 221 12.90 0.97 -17.04
N TYR B 222 12.41 0.77 -18.26
CA TYR B 222 11.72 -0.46 -18.66
C TYR B 222 12.64 -1.65 -18.77
N LYS B 223 12.35 -2.69 -18.01
CA LYS B 223 13.21 -3.88 -17.88
C LYS B 223 12.71 -5.06 -18.70
N GLY B 224 11.57 -4.91 -19.36
CA GLY B 224 11.05 -5.95 -20.23
C GLY B 224 11.71 -5.90 -21.59
N ASP B 225 11.24 -6.75 -22.51
CA ASP B 225 11.83 -6.84 -23.85
C ASP B 225 10.89 -6.36 -24.98
N ILE B 226 9.69 -6.91 -25.03
CA ILE B 226 8.79 -6.78 -26.18
C ILE B 226 8.42 -5.34 -26.58
N LEU B 227 8.34 -4.40 -25.63
CA LEU B 227 7.97 -3.02 -26.00
C LEU B 227 9.08 -2.30 -26.78
N LYS B 228 10.32 -2.78 -26.68
CA LYS B 228 11.43 -2.20 -27.43
C LYS B 228 11.39 -2.62 -28.89
N GLU B 229 10.65 -3.66 -29.22
CA GLU B 229 10.48 -4.00 -30.63
C GLU B 229 9.06 -4.18 -31.13
N VAL B 230 8.08 -4.11 -30.25
CA VAL B 230 6.73 -4.11 -30.74
C VAL B 230 6.24 -2.68 -30.67
N GLN B 231 6.21 -1.98 -31.80
CA GLN B 231 5.69 -0.60 -31.77
C GLN B 231 4.21 -0.52 -31.34
N HIS C 12 2.48 -27.30 14.23
CA HIS C 12 1.57 -27.21 15.40
C HIS C 12 0.14 -26.96 14.87
N MET C 13 -0.21 -25.74 14.42
CA MET C 13 -1.61 -25.39 14.12
C MET C 13 -2.02 -25.52 12.64
N LYS C 14 -2.92 -26.48 12.37
CA LYS C 14 -3.46 -26.71 11.05
C LYS C 14 -4.92 -27.11 11.16
N ILE C 15 -5.76 -26.45 10.36
CA ILE C 15 -7.17 -26.69 10.42
C ILE C 15 -7.63 -27.05 9.00
N ASP C 16 -8.28 -28.21 8.89
CA ASP C 16 -8.85 -28.65 7.63
C ASP C 16 -10.12 -27.86 7.35
N ILE C 17 -10.32 -27.49 6.10
CA ILE C 17 -11.45 -26.64 5.73
C ILE C 17 -11.96 -27.28 4.41
N LEU C 18 -13.30 -27.34 4.26
CA LEU C 18 -13.98 -27.91 3.09
C LEU C 18 -13.63 -29.38 2.94
N ASP C 19 -13.44 -29.87 1.71
CA ASP C 19 -13.20 -31.31 1.49
C ASP C 19 -11.67 -31.65 1.45
N LYS C 20 -10.85 -30.70 1.01
CA LYS C 20 -9.43 -30.94 0.89
C LYS C 20 -8.61 -29.72 1.24
N GLY C 21 -9.27 -28.70 1.81
CA GLY C 21 -8.62 -27.44 2.10
C GLY C 21 -7.96 -27.47 3.47
N PHE C 22 -7.16 -26.43 3.76
CA PHE C 22 -6.63 -26.18 5.12
C PHE C 22 -6.13 -24.75 5.27
N VAL C 23 -6.02 -24.36 6.53
CA VAL C 23 -5.29 -23.16 6.93
C VAL C 23 -4.25 -23.62 7.93
N GLU C 24 -3.00 -23.29 7.69
CA GLU C 24 -1.91 -23.74 8.52
C GLU C 24 -1.14 -22.49 8.92
N LEU C 25 -0.76 -22.38 10.20
CA LEU C 25 0.08 -21.29 10.68
C LEU C 25 1.54 -21.65 10.44
N VAL C 26 2.24 -20.78 9.72
CA VAL C 26 3.64 -21.00 9.41
C VAL C 26 4.50 -20.26 10.42
N ASP C 27 4.12 -19.04 10.76
CA ASP C 27 4.95 -18.24 11.67
C ASP C 27 4.18 -17.06 12.18
N VAL C 28 4.70 -16.51 13.26
CA VAL C 28 4.09 -15.36 13.86
C VAL C 28 5.18 -14.48 14.50
N MET C 29 5.04 -13.17 14.34
CA MET C 29 5.92 -12.24 15.01
C MET C 29 5.08 -11.49 15.99
N GLY C 30 5.43 -11.67 17.23
CA GLY C 30 4.84 -10.92 18.27
C GLY C 30 3.62 -11.56 18.86
N ASN C 31 3.09 -10.82 19.82
CA ASN C 31 1.91 -11.22 20.55
C ASN C 31 1.22 -9.93 20.86
N ASP C 32 0.22 -9.99 21.74
CA ASP C 32 -0.46 -8.80 22.18
C ASP C 32 0.49 -7.72 22.65
N LEU C 33 1.55 -8.09 23.35
CA LEU C 33 2.42 -7.08 23.95
C LEU C 33 3.21 -6.35 22.90
N SER C 34 3.41 -6.96 21.73
CA SER C 34 3.99 -6.26 20.62
C SER C 34 3.22 -4.99 20.26
N ALA C 35 1.90 -5.00 20.39
CA ALA C 35 1.12 -3.80 20.10
C ALA C 35 1.28 -2.78 21.22
N VAL C 36 1.35 -3.25 22.44
CA VAL C 36 1.54 -2.39 23.60
C VAL C 36 2.91 -1.63 23.51
N ARG C 37 3.97 -2.37 23.23
CA ARG C 37 5.33 -1.82 23.06
C ARG C 37 5.41 -0.85 21.88
N ALA C 38 4.69 -1.16 20.79
CA ALA C 38 4.68 -0.21 19.66
C ALA C 38 3.97 1.10 20.04
N ALA C 39 2.85 1.02 20.76
CA ALA C 39 2.07 2.20 21.16
C ALA C 39 2.86 3.09 22.12
N ARG C 40 3.51 2.49 23.11
CA ARG C 40 4.45 3.21 23.97
C ARG C 40 5.79 3.59 23.33
N VAL C 41 6.16 2.97 22.22
CA VAL C 41 7.49 3.11 21.65
C VAL C 41 8.61 2.81 22.67
N SER C 42 8.49 1.69 23.34
CA SER C 42 9.64 1.19 24.08
C SER C 42 9.71 -0.32 24.04
N PHE C 43 10.95 -0.78 24.01
CA PHE C 43 11.29 -2.18 24.09
C PHE C 43 11.78 -2.47 25.53
N ASP C 44 10.82 -2.67 26.44
CA ASP C 44 11.02 -3.19 27.82
C ASP C 44 10.26 -4.49 28.04
N LEU C 47 9.32 -3.67 32.25
CA LEU C 47 8.50 -3.37 33.43
C LEU C 47 7.00 -3.71 33.17
N LYS C 48 6.78 -4.89 32.59
CA LYS C 48 5.46 -5.46 32.34
C LYS C 48 4.42 -5.40 33.49
N ASP C 49 3.18 -5.06 33.12
CA ASP C 49 2.05 -4.96 34.03
C ASP C 49 0.83 -5.37 33.25
N GLU C 50 0.33 -6.56 33.57
CA GLU C 50 -0.70 -7.22 32.78
C GLU C 50 -2.03 -6.44 32.68
N GLU C 51 -2.59 -6.03 33.84
CA GLU C 51 -3.82 -5.21 33.85
C GLU C 51 -3.65 -3.91 33.03
N ARG C 52 -2.56 -3.21 33.29
CA ARG C 52 -2.20 -2.02 32.57
C ARG C 52 -2.11 -2.30 31.03
N ASP C 53 -1.43 -3.37 30.64
CA ASP C 53 -1.18 -3.65 29.23
C ASP C 53 -2.49 -4.07 28.50
N ARG C 54 -3.31 -4.86 29.18
CA ARG C 54 -4.65 -5.27 28.70
C ARG C 54 -5.62 -4.07 28.53
N HIS C 55 -5.69 -3.20 29.54
CA HIS C 55 -6.42 -1.92 29.42
C HIS C 55 -5.95 -1.12 28.19
N LEU C 56 -4.65 -1.05 28.01
CA LEU C 56 -4.13 -0.34 26.84
C LEU C 56 -4.66 -0.95 25.54
N ILE C 57 -4.58 -2.27 25.37
CA ILE C 57 -5.14 -2.89 24.19
C ILE C 57 -6.62 -2.46 23.96
N GLU C 58 -7.43 -2.53 24.99
CA GLU C 58 -8.80 -2.18 24.83
C GLU C 58 -8.97 -0.72 24.44
N TYR C 59 -8.20 0.12 25.12
CA TYR C 59 -8.15 1.50 24.84
C TYR C 59 -7.87 1.82 23.42
N LEU C 60 -6.82 1.23 22.86
CA LEU C 60 -6.50 1.43 21.48
C LEU C 60 -7.65 1.04 20.54
N MET C 61 -8.17 -0.17 20.73
CA MET C 61 -9.24 -0.70 19.89
C MET C 61 -10.52 0.13 20.04
N LYS C 62 -10.77 0.63 21.22
CA LYS C 62 -11.98 1.40 21.49
C LYS C 62 -11.97 2.77 20.80
N HIS C 63 -10.80 3.38 20.71
CA HIS C 63 -10.69 4.73 20.15
C HIS C 63 -10.11 4.74 18.74
N GLY C 64 -10.01 3.56 18.14
CA GLY C 64 -9.59 3.44 16.75
C GLY C 64 -8.12 3.71 16.42
N HIS C 65 -7.26 3.64 17.42
CA HIS C 65 -5.83 3.77 17.21
C HIS C 65 -5.31 2.38 16.84
N GLU C 66 -5.40 2.10 15.54
CA GLU C 66 -5.21 0.78 15.00
C GLU C 66 -3.77 0.51 14.67
N THR C 67 -2.98 1.55 14.42
CA THR C 67 -1.63 1.31 13.89
C THR C 67 -0.71 0.37 14.77
N PRO C 68 -0.80 0.44 16.11
CA PRO C 68 0.05 -0.48 16.91
C PRO C 68 -0.16 -1.97 16.63
N PHE C 69 -1.35 -2.31 16.14
CA PHE C 69 -1.68 -3.68 15.74
C PHE C 69 -0.98 -4.12 14.46
N GLU C 70 -0.40 -3.17 13.69
CA GLU C 70 0.41 -3.51 12.50
C GLU C 70 1.76 -4.18 12.81
N HIS C 71 2.17 -4.14 14.06
CA HIS C 71 3.43 -4.70 14.48
C HIS C 71 3.30 -6.17 14.96
N ILE C 72 2.11 -6.73 14.88
CA ILE C 72 1.89 -8.18 14.98
C ILE C 72 1.65 -8.75 13.57
N VAL C 73 2.38 -9.81 13.23
CA VAL C 73 2.44 -10.34 11.86
C VAL C 73 2.39 -11.88 11.86
N PHE C 74 1.59 -12.39 10.92
CA PHE C 74 1.28 -13.81 10.73
C PHE C 74 1.70 -14.21 9.35
N THR C 75 2.26 -15.42 9.20
CA THR C 75 2.30 -16.10 7.94
C THR C 75 1.48 -17.39 8.02
N PHE C 76 0.59 -17.53 7.04
CA PHE C 76 -0.32 -18.67 6.91
C PHE C 76 -0.03 -19.35 5.61
N HIS C 77 -0.17 -20.68 5.61
CA HIS C 77 -0.18 -21.54 4.44
C HIS C 77 -1.65 -21.97 4.23
N VAL C 78 -2.23 -21.61 3.08
CA VAL C 78 -3.68 -21.81 2.82
C VAL C 78 -3.85 -22.66 1.58
N LYS C 79 -4.67 -23.71 1.70
CA LYS C 79 -5.10 -24.50 0.57
C LYS C 79 -6.60 -24.30 0.37
N ALA C 80 -6.96 -23.71 -0.77
CA ALA C 80 -8.34 -23.32 -1.03
C ALA C 80 -8.65 -23.36 -2.54
N PRO C 81 -9.93 -23.53 -2.91
CA PRO C 81 -10.30 -23.47 -4.33
C PRO C 81 -10.07 -22.10 -4.92
N ILE C 82 -9.82 -22.04 -6.24
CA ILE C 82 -9.59 -20.80 -6.94
C ILE C 82 -10.70 -19.75 -6.70
N PHE C 83 -11.97 -20.13 -6.76
CA PHE C 83 -13.03 -19.12 -6.55
C PHE C 83 -12.90 -18.44 -5.17
N VAL C 84 -12.42 -19.19 -4.18
CA VAL C 84 -12.14 -18.68 -2.81
C VAL C 84 -10.89 -17.82 -2.84
N ALA C 85 -9.83 -18.31 -3.46
CA ALA C 85 -8.59 -17.58 -3.54
C ALA C 85 -8.75 -16.22 -4.23
N ARG C 86 -9.60 -16.13 -5.25
CA ARG C 86 -9.79 -14.85 -5.96
C ARG C 86 -10.46 -13.79 -5.10
N GLN C 87 -11.45 -14.18 -4.32
CA GLN C 87 -12.04 -13.32 -3.30
C GLN C 87 -11.01 -12.90 -2.26
N TRP C 88 -10.15 -13.85 -1.89
CA TRP C 88 -9.17 -13.62 -0.84
C TRP C 88 -8.09 -12.64 -1.29
N PHE C 89 -7.60 -12.81 -2.51
CA PHE C 89 -6.52 -12.00 -3.03
C PHE C 89 -6.96 -10.57 -3.32
N ARG C 90 -8.24 -10.27 -3.17
CA ARG C 90 -8.68 -8.88 -3.19
C ARG C 90 -8.13 -8.01 -2.05
N HIS C 91 -7.71 -8.63 -0.95
CA HIS C 91 -7.16 -7.92 0.23
C HIS C 91 -5.69 -7.54 -0.09
N ARG C 92 -5.49 -6.29 -0.46
CA ARG C 92 -4.22 -5.87 -1.01
C ARG C 92 -3.16 -5.58 0.05
N ILE C 93 -3.56 -5.31 1.30
CA ILE C 93 -2.56 -5.01 2.33
C ILE C 93 -2.13 -6.27 3.06
N ALA C 94 -1.25 -6.97 2.37
CA ALA C 94 -0.83 -8.31 2.66
C ALA C 94 0.14 -8.72 1.57
N SER C 95 0.85 -9.81 1.83
CA SER C 95 1.83 -10.39 0.92
C SER C 95 1.37 -11.82 0.58
N TYR C 96 1.42 -12.14 -0.72
CA TYR C 96 0.97 -13.42 -1.25
C TYR C 96 2.03 -14.07 -2.09
N ASN C 97 2.10 -15.40 -1.99
CA ASN C 97 2.88 -16.22 -2.90
C ASN C 97 2.15 -17.49 -3.19
N GLU C 98 1.80 -17.66 -4.46
CA GLU C 98 1.00 -18.79 -4.91
C GLU C 98 1.89 -19.84 -5.57
N LEU C 99 1.55 -21.11 -5.40
CA LEU C 99 2.34 -22.20 -5.97
C LEU C 99 2.22 -22.19 -7.49
N SER C 100 3.34 -22.27 -8.18
CA SER C 100 3.41 -22.00 -9.64
C SER C 100 3.36 -23.23 -10.61
N GLY C 101 4.21 -24.25 -10.51
CA GLY C 101 5.47 -24.26 -9.79
C GLY C 101 6.57 -24.63 -10.79
N ARG C 102 7.31 -23.62 -11.19
CA ARG C 102 8.70 -23.80 -11.58
C ARG C 102 9.55 -24.09 -10.35
N TYR C 103 8.96 -23.94 -9.17
CA TYR C 103 9.64 -24.13 -7.88
C TYR C 103 9.24 -25.43 -7.15
N SER C 104 8.00 -25.86 -7.33
CA SER C 104 7.49 -27.08 -6.70
C SER C 104 6.38 -27.76 -7.51
N LYS C 105 6.03 -28.97 -7.11
CA LYS C 105 5.15 -29.80 -7.93
C LYS C 105 3.69 -29.42 -7.73
N LEU C 106 2.93 -29.46 -8.83
CA LEU C 106 1.50 -29.19 -8.80
C LEU C 106 0.74 -30.49 -8.73
N SER C 107 -0.41 -30.46 -8.06
CA SER C 107 -1.31 -31.58 -8.04
C SER C 107 -2.72 -31.02 -8.29
N TYR C 108 -3.66 -31.92 -8.59
CA TYR C 108 -4.95 -31.50 -9.12
C TYR C 108 -6.09 -32.10 -8.34
N GLU C 109 -6.67 -31.28 -7.50
CA GLU C 109 -7.76 -31.69 -6.65
C GLU C 109 -8.82 -30.63 -6.73
N PHE C 110 -10.09 -31.02 -6.56
CA PHE C 110 -11.17 -30.10 -6.87
C PHE C 110 -12.16 -30.10 -5.70
N TYR C 111 -12.74 -28.95 -5.45
CA TYR C 111 -13.73 -28.88 -4.36
C TYR C 111 -15.12 -29.28 -4.85
N ILE C 112 -15.72 -30.28 -4.19
CA ILE C 112 -17.06 -30.82 -4.53
C ILE C 112 -17.97 -30.56 -3.33
N PRO C 113 -18.95 -29.66 -3.46
CA PRO C 113 -19.78 -29.38 -2.28
C PRO C 113 -20.54 -30.60 -1.81
N SER C 114 -20.65 -30.81 -0.52
CA SER C 114 -21.41 -31.96 -0.01
C SER C 114 -22.91 -31.83 -0.27
N PRO C 115 -23.64 -32.96 -0.31
CA PRO C 115 -25.08 -32.76 -0.47
C PRO C 115 -25.63 -31.91 0.68
N GLU C 116 -25.06 -32.09 1.87
CA GLU C 116 -25.47 -31.32 3.04
C GLU C 116 -25.31 -29.82 2.82
N ARG C 117 -24.26 -29.42 2.09
CA ARG C 117 -24.05 -28.00 1.72
C ARG C 117 -25.21 -27.44 0.90
N LEU C 118 -25.91 -28.33 0.19
CA LEU C 118 -26.85 -27.96 -0.86
C LEU C 118 -28.31 -28.08 -0.45
N GLU C 119 -28.57 -28.57 0.76
CA GLU C 119 -29.95 -28.65 1.30
C GLU C 119 -30.27 -27.36 2.08
N GLY C 120 -31.52 -26.94 2.00
CA GLY C 120 -31.88 -25.58 2.37
C GLY C 120 -32.29 -24.84 1.11
N TYR C 121 -31.57 -25.13 0.02
CA TYR C 121 -32.00 -24.70 -1.29
C TYR C 121 -33.14 -25.59 -1.78
N LYS C 122 -34.20 -24.98 -2.28
CA LYS C 122 -35.25 -25.73 -2.92
C LYS C 122 -34.86 -25.93 -4.37
N THR C 123 -34.38 -27.14 -4.69
CA THR C 123 -34.05 -27.52 -6.07
C THR C 123 -34.96 -28.60 -6.59
N THR C 124 -35.07 -28.68 -7.91
CA THR C 124 -35.94 -29.62 -8.57
C THR C 124 -35.31 -31.03 -8.60
N ILE C 125 -34.03 -31.14 -8.25
CA ILE C 125 -33.37 -32.45 -8.18
C ILE C 125 -32.69 -32.69 -6.84
N PRO C 126 -32.47 -33.97 -6.47
CA PRO C 126 -31.88 -34.29 -5.16
C PRO C 126 -30.50 -33.72 -4.96
N PRO C 127 -30.22 -33.17 -3.75
CA PRO C 127 -28.89 -32.62 -3.49
C PRO C 127 -27.72 -33.51 -3.93
N GLU C 128 -27.88 -34.82 -3.80
CA GLU C 128 -26.80 -35.75 -4.14
C GLU C 128 -26.59 -35.78 -5.64
N ARG C 129 -27.68 -35.65 -6.40
CA ARG C 129 -27.59 -35.56 -7.83
C ARG C 129 -26.74 -34.36 -8.29
N VAL C 130 -26.89 -33.25 -7.60
CA VAL C 130 -26.09 -32.08 -7.88
C VAL C 130 -24.64 -32.37 -7.58
N THR C 131 -24.37 -33.01 -6.44
CA THR C 131 -23.00 -33.45 -6.14
C THR C 131 -22.44 -34.29 -7.31
N GLU C 132 -23.23 -35.26 -7.76
CA GLU C 132 -22.82 -36.17 -8.83
C GLU C 132 -22.47 -35.42 -10.14
N LYS C 133 -23.36 -34.52 -10.54
CA LYS C 133 -23.17 -33.70 -11.74
C LYS C 133 -21.92 -32.82 -11.68
N ILE C 134 -21.63 -32.25 -10.52
CA ILE C 134 -20.44 -31.42 -10.41
C ILE C 134 -19.20 -32.33 -10.51
N SER C 135 -19.28 -33.48 -9.86
CA SER C 135 -18.20 -34.41 -9.85
C SER C 135 -17.89 -34.88 -11.27
N GLU C 136 -18.95 -35.19 -12.01
CA GLU C 136 -18.82 -35.68 -13.37
C GLU C 136 -18.19 -34.65 -14.32
N ILE C 137 -18.68 -33.41 -14.30
CA ILE C 137 -18.10 -32.35 -15.14
C ILE C 137 -16.64 -32.02 -14.76
N VAL C 138 -16.33 -32.06 -13.47
CA VAL C 138 -14.96 -31.90 -13.04
C VAL C 138 -14.08 -33.03 -13.60
N ASP C 139 -14.58 -34.26 -13.55
CA ASP C 139 -13.84 -35.39 -14.07
C ASP C 139 -13.57 -35.26 -15.57
N LYS C 140 -14.56 -34.80 -16.32
CA LYS C 140 -14.40 -34.64 -17.77
C LYS C 140 -13.41 -33.54 -18.11
N ALA C 141 -13.54 -32.38 -17.42
CA ALA C 141 -12.60 -31.27 -17.61
C ALA C 141 -11.18 -31.71 -17.35
N TYR C 142 -10.95 -32.42 -16.24
CA TYR C 142 -9.61 -32.88 -15.88
C TYR C 142 -9.05 -33.85 -16.92
N ARG C 143 -9.89 -34.79 -17.35
CA ARG C 143 -9.52 -35.76 -18.39
C ARG C 143 -9.11 -35.09 -19.71
N THR C 144 -9.89 -34.10 -20.16
CA THR C 144 -9.50 -33.25 -21.27
C THR C 144 -8.17 -32.53 -21.05
N TYR C 145 -8.00 -31.85 -19.93
CA TYR C 145 -6.69 -31.32 -19.55
C TYR C 145 -5.56 -32.35 -19.76
N LEU C 146 -5.67 -33.51 -19.12
CA LEU C 146 -4.62 -34.54 -19.22
C LEU C 146 -4.39 -34.94 -20.67
N GLU C 147 -5.49 -35.09 -21.39
CA GLU C 147 -5.46 -35.36 -22.81
C GLU C 147 -4.63 -34.34 -23.58
N LEU C 148 -4.80 -33.06 -23.26
CA LEU C 148 -4.10 -31.97 -23.94
C LEU C 148 -2.61 -32.00 -23.61
N ILE C 149 -2.32 -32.29 -22.35
CA ILE C 149 -0.93 -32.46 -21.91
C ILE C 149 -0.21 -33.59 -22.61
N GLU C 150 -0.85 -34.76 -22.69
CA GLU C 150 -0.22 -35.92 -23.34
C GLU C 150 -0.05 -35.69 -24.85
N SER C 151 -0.79 -34.72 -25.39
CA SER C 151 -0.67 -34.33 -26.80
C SER C 151 0.42 -33.29 -27.12
N GLY C 152 1.04 -32.71 -26.11
CA GLY C 152 2.11 -31.72 -26.31
C GLY C 152 1.71 -30.27 -26.09
N VAL C 153 0.48 -30.05 -25.63
CA VAL C 153 -0.01 -28.70 -25.36
C VAL C 153 0.54 -28.26 -24.04
N PRO C 154 1.24 -27.11 -24.00
CA PRO C 154 1.85 -26.72 -22.75
C PRO C 154 0.81 -26.50 -21.67
N ARG C 155 1.23 -26.69 -20.42
CA ARG C 155 0.35 -26.73 -19.29
C ARG C 155 -0.40 -25.43 -19.18
N ARG C 156 0.32 -24.32 -19.27
CA ARG C 156 -0.28 -22.98 -19.08
C ARG C 156 -1.43 -22.68 -20.06
N VAL C 157 -1.43 -23.36 -21.20
CA VAL C 157 -2.55 -23.31 -22.14
C VAL C 157 -3.61 -24.33 -21.73
N ALA C 158 -3.21 -25.58 -21.56
CA ALA C 158 -4.16 -26.66 -21.30
C ALA C 158 -5.02 -26.40 -20.07
N ARG C 159 -4.44 -25.82 -19.03
CA ARG C 159 -5.14 -25.60 -17.77
C ARG C 159 -6.33 -24.63 -17.83
N ILE C 160 -6.49 -23.89 -18.91
CA ILE C 160 -7.62 -22.94 -18.94
C ILE C 160 -9.00 -23.60 -19.00
N VAL C 161 -9.03 -24.90 -19.29
CA VAL C 161 -10.29 -25.67 -19.31
C VAL C 161 -10.67 -26.17 -17.92
N LEU C 162 -9.74 -26.05 -16.97
CA LEU C 162 -9.98 -26.57 -15.64
C LEU C 162 -10.93 -25.62 -14.90
N PRO C 163 -11.81 -26.19 -14.08
CA PRO C 163 -12.84 -25.37 -13.47
C PRO C 163 -12.41 -24.56 -12.24
N LEU C 164 -13.27 -23.64 -11.85
CA LEU C 164 -12.97 -22.70 -10.79
C LEU C 164 -12.84 -23.33 -9.42
N ASN C 165 -13.27 -24.58 -9.25
CA ASN C 165 -13.15 -25.30 -8.00
C ASN C 165 -11.87 -26.09 -7.82
N LEU C 166 -10.91 -25.94 -8.75
CA LEU C 166 -9.56 -26.41 -8.58
C LEU C 166 -8.91 -25.77 -7.33
N TYR C 167 -8.23 -26.59 -6.53
CA TYR C 167 -7.53 -26.12 -5.34
C TYR C 167 -6.19 -25.55 -5.73
N THR C 168 -5.82 -24.48 -5.03
CA THR C 168 -4.51 -23.87 -5.16
C THR C 168 -3.96 -23.73 -3.73
N ARG C 169 -2.68 -23.42 -3.65
CA ARG C 169 -2.03 -23.13 -2.37
C ARG C 169 -1.25 -21.84 -2.42
N PHE C 170 -1.21 -21.17 -1.28
CA PHE C 170 -0.46 -19.94 -1.12
C PHE C 170 0.00 -19.69 0.29
N PHE C 171 1.06 -18.90 0.40
CA PHE C 171 1.48 -18.31 1.64
C PHE C 171 0.88 -16.90 1.70
N TRP C 172 0.47 -16.50 2.91
CA TRP C 172 -0.20 -15.23 3.13
C TRP C 172 0.46 -14.64 4.36
N THR C 173 1.13 -13.50 4.19
CA THR C 173 1.72 -12.78 5.31
C THR C 173 0.95 -11.47 5.45
N VAL C 174 0.45 -11.24 6.66
CA VAL C 174 -0.53 -10.23 6.93
C VAL C 174 -0.39 -9.74 8.38
N ASN C 175 -0.44 -8.44 8.60
CA ASN C 175 -0.36 -7.92 9.95
C ASN C 175 -1.76 -7.96 10.58
N ALA C 176 -1.80 -7.90 11.91
CA ALA C 176 -3.08 -8.03 12.64
C ALA C 176 -4.17 -7.01 12.34
N ARG C 177 -3.80 -5.76 12.02
CA ARG C 177 -4.77 -4.75 11.58
C ARG C 177 -5.46 -5.17 10.28
N SER C 178 -4.64 -5.61 9.31
CA SER C 178 -5.17 -5.95 8.01
C SER C 178 -5.97 -7.27 8.15
N LEU C 179 -5.53 -8.15 9.07
CA LEU C 179 -6.22 -9.37 9.36
C LEU C 179 -7.59 -9.08 10.00
N MET C 180 -7.68 -8.02 10.79
CA MET C 180 -8.95 -7.62 11.35
C MET C 180 -9.93 -7.08 10.31
N ASN C 181 -9.43 -6.29 9.36
CA ASN C 181 -10.21 -5.90 8.19
C ASN C 181 -10.72 -7.11 7.36
N PHE C 182 -9.84 -8.06 7.04
CA PHE C 182 -10.22 -9.35 6.41
C PHE C 182 -11.38 -10.02 7.15
N LEU C 183 -11.26 -10.14 8.47
CA LEU C 183 -12.31 -10.83 9.22
C LEU C 183 -13.61 -10.06 9.24
N ASN C 184 -13.52 -8.73 9.31
CA ASN C 184 -14.74 -7.89 9.22
C ASN C 184 -15.56 -8.19 7.98
N LEU C 185 -14.88 -8.44 6.87
CA LEU C 185 -15.51 -8.67 5.57
C LEU C 185 -15.88 -10.13 5.32
N ARG C 186 -15.03 -11.05 5.77
CA ARG C 186 -15.13 -12.47 5.39
C ARG C 186 -15.77 -13.34 6.47
N ALA C 187 -15.57 -13.01 7.75
CA ALA C 187 -16.25 -13.76 8.81
C ALA C 187 -17.61 -13.12 9.04
N ASP C 188 -18.51 -13.28 8.08
CA ASP C 188 -19.77 -12.57 8.06
C ASP C 188 -20.69 -13.28 7.10
N SER C 189 -21.96 -13.29 7.43
CA SER C 189 -22.95 -14.07 6.73
C SER C 189 -23.26 -13.56 5.30
N HIS C 190 -22.87 -12.32 5.01
CA HIS C 190 -22.91 -11.83 3.63
C HIS C 190 -21.87 -12.47 2.74
N ALA C 191 -20.72 -12.84 3.28
CA ALA C 191 -19.68 -13.50 2.48
C ALA C 191 -20.16 -14.86 2.02
N GLN C 192 -19.52 -15.40 0.98
CA GLN C 192 -19.90 -16.74 0.51
C GLN C 192 -19.54 -17.74 1.61
N TRP C 193 -20.37 -18.77 1.77
CA TRP C 193 -20.19 -19.74 2.85
C TRP C 193 -18.79 -20.34 2.88
N GLU C 194 -18.24 -20.64 1.71
CA GLU C 194 -16.91 -21.23 1.69
C GLU C 194 -15.84 -20.34 2.34
N ILE C 195 -15.85 -19.03 2.06
CA ILE C 195 -14.75 -18.19 2.57
C ILE C 195 -15.04 -17.85 4.04
N GLN C 196 -16.31 -17.82 4.42
CA GLN C 196 -16.66 -17.79 5.85
C GLN C 196 -15.89 -18.86 6.63
N GLN C 197 -15.90 -20.10 6.10
CA GLN C 197 -15.20 -21.24 6.75
C GLN C 197 -13.72 -21.03 6.96
N TYR C 198 -13.03 -20.54 5.93
CA TYR C 198 -11.67 -20.13 6.07
C TYR C 198 -11.47 -19.01 7.10
N ALA C 199 -12.35 -18.01 7.09
CA ALA C 199 -12.17 -16.84 7.96
C ALA C 199 -12.35 -17.27 9.47
N LEU C 200 -13.24 -18.21 9.71
CA LEU C 200 -13.40 -18.79 11.06
C LEU C 200 -12.12 -19.46 11.53
N ALA C 201 -11.40 -20.11 10.59
CA ALA C 201 -10.14 -20.78 10.92
C ALA C 201 -8.99 -19.78 11.19
N ILE C 202 -8.91 -18.77 10.36
CA ILE C 202 -8.02 -17.63 10.55
C ILE C 202 -8.33 -16.96 11.90
N ALA C 203 -9.62 -16.80 12.24
CA ALA C 203 -10.00 -16.20 13.54
C ALA C 203 -9.55 -17.03 14.76
N ARG C 204 -9.72 -18.35 14.70
CA ARG C 204 -9.24 -19.25 15.74
C ARG C 204 -7.74 -19.15 15.98
N ILE C 205 -6.96 -19.12 14.91
CA ILE C 205 -5.52 -18.99 15.07
C ILE C 205 -5.14 -17.60 15.66
N PHE C 206 -5.84 -16.56 15.21
CA PHE C 206 -5.63 -15.20 15.65
C PHE C 206 -5.87 -15.07 17.16
N LYS C 207 -7.03 -15.54 17.60
CA LYS C 207 -7.39 -15.62 18.99
C LYS C 207 -6.36 -16.40 19.82
N GLU C 208 -5.87 -17.51 19.25
CA GLU C 208 -4.94 -18.37 19.98
C GLU C 208 -3.63 -17.61 20.21
N LYS C 209 -3.21 -16.83 19.22
CA LYS C 209 -1.93 -16.14 19.31
C LYS C 209 -1.98 -14.76 19.95
N CYS C 210 -3.12 -14.08 19.82
CA CYS C 210 -3.28 -12.74 20.34
C CYS C 210 -4.60 -12.65 21.03
N PRO C 211 -4.78 -13.37 22.12
CA PRO C 211 -6.11 -13.41 22.76
C PRO C 211 -6.67 -12.03 23.20
N TRP C 212 -5.82 -11.15 23.74
CA TRP C 212 -6.36 -9.89 24.21
C TRP C 212 -6.82 -9.00 23.06
N THR C 213 -6.04 -8.92 21.99
CA THR C 213 -6.44 -8.15 20.83
C THR C 213 -7.73 -8.68 20.19
N PHE C 214 -7.81 -10.01 20.05
CA PHE C 214 -9.01 -10.58 19.44
C PHE C 214 -10.25 -10.26 20.26
N GLU C 215 -10.13 -10.33 21.58
CA GLU C 215 -11.26 -10.08 22.47
C GLU C 215 -11.62 -8.60 22.36
N ALA C 216 -10.60 -7.73 22.30
CA ALA C 216 -10.86 -6.29 22.16
C ALA C 216 -11.48 -5.97 20.78
N PHE C 217 -11.08 -6.73 19.76
CA PHE C 217 -11.60 -6.60 18.41
C PHE C 217 -13.11 -6.93 18.40
N LEU C 218 -13.47 -8.06 18.98
CA LEU C 218 -14.84 -8.45 19.02
C LEU C 218 -15.69 -7.44 19.76
N LYS C 219 -15.16 -6.92 20.85
CA LYS C 219 -15.90 -6.09 21.75
C LYS C 219 -16.10 -4.69 21.16
N TYR C 220 -15.14 -4.16 20.42
CA TYR C 220 -15.19 -2.75 20.02
C TYR C 220 -15.19 -2.48 18.53
N ALA C 221 -14.62 -3.37 17.72
CA ALA C 221 -14.33 -3.05 16.33
C ALA C 221 -15.04 -3.95 15.32
N TYR C 222 -15.18 -5.24 15.62
CA TYR C 222 -15.65 -6.21 14.61
C TYR C 222 -17.08 -5.90 14.17
N LYS C 223 -17.26 -5.78 12.86
CA LYS C 223 -18.53 -5.32 12.24
C LYS C 223 -19.31 -6.51 11.66
N GLY C 224 -18.70 -7.69 11.64
CA GLY C 224 -19.43 -8.90 11.16
C GLY C 224 -20.36 -9.46 12.21
N ASP C 225 -21.01 -10.58 11.88
CA ASP C 225 -22.00 -11.15 12.82
C ASP C 225 -21.46 -12.41 13.52
N ILE C 226 -20.90 -13.31 12.70
CA ILE C 226 -20.69 -14.71 13.06
C ILE C 226 -19.72 -14.96 14.21
N LEU C 227 -18.65 -14.19 14.34
CA LEU C 227 -17.65 -14.46 15.39
C LEU C 227 -18.20 -14.25 16.80
N LYS C 228 -19.25 -13.46 16.95
CA LYS C 228 -19.74 -13.21 18.29
C LYS C 228 -20.77 -14.27 18.68
N GLU C 229 -21.04 -15.20 17.75
CA GLU C 229 -22.00 -16.28 17.96
C GLU C 229 -21.31 -17.64 18.06
N VAL C 230 -20.40 -17.85 17.13
CA VAL C 230 -19.72 -19.11 16.90
C VAL C 230 -18.43 -19.01 17.67
N GLN C 231 -18.29 -19.83 18.70
CA GLN C 231 -17.08 -19.79 19.52
C GLN C 231 -15.80 -20.11 18.72
N VAL C 232 -14.76 -19.33 19.04
CA VAL C 232 -13.39 -19.34 18.53
C VAL C 232 -13.19 -18.81 17.11
N HIS D 12 18.64 -7.20 21.92
CA HIS D 12 20.08 -7.48 22.21
C HIS D 12 21.03 -7.02 21.07
N MET D 13 20.46 -6.43 20.01
CA MET D 13 21.23 -5.81 18.96
C MET D 13 20.87 -4.32 18.83
N LYS D 14 21.85 -3.48 19.15
CA LYS D 14 21.69 -2.05 19.22
C LYS D 14 22.92 -1.36 18.70
N ILE D 15 22.73 -0.39 17.82
CA ILE D 15 23.84 0.35 17.25
C ILE D 15 23.57 1.82 17.53
N ASP D 16 24.53 2.45 18.21
CA ASP D 16 24.49 3.90 18.38
C ASP D 16 24.76 4.63 17.08
N ILE D 17 23.97 5.67 16.84
CA ILE D 17 24.11 6.47 15.64
C ILE D 17 24.07 7.94 16.05
N LEU D 18 24.92 8.74 15.40
CA LEU D 18 25.03 10.18 15.61
C LEU D 18 25.46 10.38 17.04
N ASP D 19 25.05 11.46 17.69
CA ASP D 19 25.55 11.71 19.05
C ASP D 19 24.71 11.05 20.13
N LYS D 20 23.39 10.95 19.93
CA LYS D 20 22.47 10.40 20.93
C LYS D 20 21.43 9.43 20.36
N GLY D 21 21.61 9.06 19.09
CA GLY D 21 20.66 8.22 18.42
C GLY D 21 21.00 6.74 18.45
N PHE D 22 20.07 5.92 17.99
CA PHE D 22 20.31 4.50 17.89
C PHE D 22 19.35 3.81 16.92
N VAL D 23 19.75 2.62 16.52
CA VAL D 23 18.85 1.64 15.96
C VAL D 23 18.96 0.35 16.76
N GLU D 24 17.82 -0.15 17.19
CA GLU D 24 17.72 -1.33 18.01
C GLU D 24 16.77 -2.33 17.29
N LEU D 25 17.17 -3.59 17.20
CA LEU D 25 16.29 -4.65 16.72
C LEU D 25 15.35 -5.11 17.83
N VAL D 26 14.05 -5.00 17.57
CA VAL D 26 13.01 -5.37 18.57
C VAL D 26 12.55 -6.81 18.33
N ASP D 27 12.23 -7.16 17.09
CA ASP D 27 11.77 -8.50 16.74
C ASP D 27 12.07 -8.77 15.27
N VAL D 28 12.04 -10.04 14.93
CA VAL D 28 12.22 -10.46 13.57
C VAL D 28 11.38 -11.71 13.39
N MET D 29 10.68 -11.80 12.27
CA MET D 29 9.95 -13.00 11.97
C MET D 29 10.72 -13.66 10.83
N GLY D 30 11.24 -14.83 11.11
CA GLY D 30 11.83 -15.68 10.08
C GLY D 30 13.30 -15.40 9.83
N ASN D 31 13.76 -15.89 8.67
CA ASN D 31 15.19 -15.89 8.26
C ASN D 31 15.24 -16.21 6.79
N ASP D 32 16.43 -16.41 6.21
CA ASP D 32 16.51 -16.69 4.79
C ASP D 32 15.53 -17.80 4.34
N LEU D 33 15.39 -18.83 5.15
CA LEU D 33 14.56 -19.98 4.78
C LEU D 33 13.08 -19.61 4.70
N SER D 34 12.67 -18.52 5.33
CA SER D 34 11.30 -18.06 5.18
C SER D 34 10.95 -17.60 3.76
N ALA D 35 11.93 -17.10 3.00
CA ALA D 35 11.65 -16.71 1.61
C ALA D 35 11.68 -17.96 0.75
N VAL D 36 12.51 -18.94 1.12
CA VAL D 36 12.57 -20.21 0.38
C VAL D 36 11.23 -20.93 0.54
N ARG D 37 10.76 -21.05 1.78
CA ARG D 37 9.48 -21.69 2.03
C ARG D 37 8.36 -21.00 1.26
N ALA D 38 8.31 -19.67 1.31
CA ALA D 38 7.27 -18.88 0.62
C ALA D 38 7.31 -19.11 -0.88
N ALA D 39 8.50 -19.02 -1.48
CA ALA D 39 8.70 -19.33 -2.92
C ALA D 39 8.22 -20.76 -3.28
N ARG D 40 8.62 -21.74 -2.49
CA ARG D 40 8.18 -23.12 -2.74
C ARG D 40 6.73 -23.40 -2.30
N VAL D 41 6.15 -22.48 -1.54
CA VAL D 41 4.85 -22.71 -0.91
C VAL D 41 4.79 -24.05 -0.13
N SER D 42 5.77 -24.27 0.73
CA SER D 42 5.86 -25.49 1.52
C SER D 42 6.27 -25.21 2.95
N PHE D 43 5.53 -25.73 3.92
CA PHE D 43 5.88 -25.63 5.32
C PHE D 43 7.02 -26.67 5.61
N ASP D 44 6.81 -27.92 5.22
CA ASP D 44 7.87 -28.95 5.26
C ASP D 44 8.86 -28.80 4.08
N LYS D 48 17.31 -31.50 4.96
CA LYS D 48 17.81 -30.13 4.77
C LYS D 48 18.97 -30.01 3.77
N ASP D 49 18.94 -29.00 2.89
CA ASP D 49 19.97 -28.82 1.84
C ASP D 49 20.43 -27.37 1.64
N GLU D 50 21.38 -26.97 2.48
CA GLU D 50 21.93 -25.63 2.51
C GLU D 50 22.26 -25.03 1.12
N GLU D 51 23.04 -25.75 0.30
CA GLU D 51 23.50 -25.21 -1.00
C GLU D 51 22.38 -25.04 -2.05
N ARG D 52 21.41 -25.95 -2.10
CA ARG D 52 20.28 -25.77 -3.03
C ARG D 52 19.40 -24.62 -2.53
N ASP D 53 19.27 -24.48 -1.22
CA ASP D 53 18.48 -23.37 -0.66
C ASP D 53 19.09 -22.00 -1.01
N ARG D 54 20.42 -21.90 -0.90
CA ARG D 54 21.09 -20.64 -1.24
C ARG D 54 20.93 -20.32 -2.70
N HIS D 55 21.00 -21.35 -3.55
CA HIS D 55 20.89 -21.22 -5.01
C HIS D 55 19.58 -20.61 -5.41
N LEU D 56 18.53 -21.02 -4.71
CA LEU D 56 17.20 -20.48 -4.91
C LEU D 56 17.12 -19.02 -4.50
N ILE D 57 17.57 -18.72 -3.29
CA ILE D 57 17.64 -17.31 -2.84
C ILE D 57 18.39 -16.47 -3.89
N GLU D 58 19.49 -16.99 -4.42
CA GLU D 58 20.22 -16.25 -5.45
C GLU D 58 19.41 -16.13 -6.75
N TYR D 59 18.82 -17.24 -7.18
CA TYR D 59 17.90 -17.22 -8.32
C TYR D 59 16.75 -16.18 -8.19
N LEU D 60 16.10 -16.14 -7.03
CA LEU D 60 15.00 -15.16 -6.84
C LEU D 60 15.48 -13.70 -7.01
N MET D 61 16.68 -13.41 -6.50
CA MET D 61 17.20 -12.05 -6.48
C MET D 61 17.63 -11.58 -7.87
N LYS D 62 18.39 -12.41 -8.60
CA LYS D 62 18.86 -11.99 -9.91
C LYS D 62 17.72 -11.86 -10.93
N HIS D 63 16.59 -12.57 -10.70
CA HIS D 63 15.44 -12.45 -11.62
C HIS D 63 14.37 -11.42 -11.25
N GLY D 64 14.52 -10.74 -10.13
CA GLY D 64 13.49 -9.82 -9.63
C GLY D 64 12.23 -10.46 -9.04
N HIS D 65 12.28 -11.73 -8.67
CA HIS D 65 11.16 -12.32 -7.97
C HIS D 65 11.37 -12.01 -6.50
N GLU D 66 10.85 -10.86 -6.12
CA GLU D 66 11.14 -10.24 -4.87
C GLU D 66 10.04 -10.56 -3.86
N THR D 67 8.86 -11.02 -4.32
CA THR D 67 7.72 -11.24 -3.38
C THR D 67 8.02 -12.25 -2.26
N PRO D 68 8.82 -13.31 -2.54
CA PRO D 68 9.17 -14.17 -1.41
C PRO D 68 9.87 -13.47 -0.24
N PHE D 69 10.64 -12.42 -0.52
CA PHE D 69 11.30 -11.69 0.58
C PHE D 69 10.36 -10.85 1.44
N GLU D 70 9.11 -10.76 1.02
CA GLU D 70 8.09 -10.11 1.79
C GLU D 70 7.66 -10.90 3.01
N HIS D 71 8.03 -12.17 3.11
CA HIS D 71 7.64 -12.99 4.27
C HIS D 71 8.70 -13.02 5.35
N ILE D 72 9.72 -12.17 5.18
CA ILE D 72 10.71 -11.88 6.23
C ILE D 72 10.38 -10.48 6.72
N VAL D 73 10.04 -10.37 8.02
CA VAL D 73 9.64 -9.12 8.60
C VAL D 73 10.57 -8.69 9.79
N PHE D 74 10.86 -7.39 9.90
CA PHE D 74 11.63 -6.87 11.02
C PHE D 74 10.86 -5.79 11.74
N THR D 75 10.99 -5.72 13.07
CA THR D 75 10.61 -4.51 13.86
C THR D 75 11.87 -3.87 14.46
N PHE D 76 12.15 -2.63 14.09
CA PHE D 76 13.21 -1.82 14.69
C PHE D 76 12.66 -0.72 15.60
N HIS D 77 13.49 -0.33 16.58
CA HIS D 77 13.25 0.83 17.43
C HIS D 77 14.37 1.83 17.10
N VAL D 78 13.97 2.99 16.61
CA VAL D 78 14.86 3.98 16.05
C VAL D 78 14.70 5.28 16.82
N LYS D 79 15.84 5.88 17.14
CA LYS D 79 15.93 7.20 17.75
C LYS D 79 16.72 8.03 16.76
N ALA D 80 16.09 9.08 16.24
CA ALA D 80 16.61 9.80 15.13
C ALA D 80 16.12 11.25 15.14
N PRO D 81 16.94 12.17 14.64
CA PRO D 81 16.45 13.55 14.52
C PRO D 81 15.28 13.64 13.55
N ILE D 82 14.42 14.62 13.79
CA ILE D 82 13.24 14.83 13.01
C ILE D 82 13.54 14.92 11.52
N PHE D 83 14.56 15.69 11.10
CA PHE D 83 14.91 15.79 9.68
C PHE D 83 15.23 14.41 9.04
N VAL D 84 15.75 13.47 9.83
CA VAL D 84 15.99 12.09 9.37
C VAL D 84 14.73 11.31 9.28
N ALA D 85 13.91 11.39 10.34
CA ALA D 85 12.65 10.74 10.40
C ALA D 85 11.72 11.16 9.24
N ARG D 86 11.72 12.44 8.87
CA ARG D 86 10.89 12.91 7.78
C ARG D 86 11.24 12.26 6.45
N GLN D 87 12.51 12.03 6.20
CA GLN D 87 12.86 11.34 4.98
C GLN D 87 12.46 9.88 5.13
N TRP D 88 12.81 9.28 6.26
CA TRP D 88 12.58 7.86 6.53
C TRP D 88 11.09 7.54 6.34
N PHE D 89 10.23 8.38 6.90
CA PHE D 89 8.78 8.17 6.90
C PHE D 89 8.10 8.25 5.52
N ARG D 90 8.84 8.74 4.52
CA ARG D 90 8.40 8.71 3.15
C ARG D 90 8.26 7.27 2.60
N HIS D 91 8.85 6.29 3.28
CA HIS D 91 8.72 4.88 2.88
C HIS D 91 7.38 4.35 3.36
N ARG D 92 6.45 4.31 2.43
CA ARG D 92 5.06 4.04 2.71
C ARG D 92 4.72 2.58 2.98
N ILE D 93 5.55 1.69 2.48
CA ILE D 93 5.29 0.27 2.59
C ILE D 93 6.05 -0.24 3.78
N ALA D 94 5.48 0.11 4.95
CA ALA D 94 5.99 -0.25 6.26
C ALA D 94 4.96 0.28 7.29
N SER D 95 5.22 0.03 8.57
CA SER D 95 4.32 0.41 9.64
C SER D 95 5.15 1.23 10.64
N TYR D 96 4.62 2.35 11.11
CA TYR D 96 5.35 3.29 11.97
C TYR D 96 4.51 3.60 13.19
N ASN D 97 5.12 3.68 14.37
CA ASN D 97 4.48 4.33 15.51
C ASN D 97 5.47 5.26 16.15
N GLU D 98 5.09 6.51 16.32
CA GLU D 98 6.02 7.53 16.82
C GLU D 98 5.66 7.85 18.24
N LEU D 99 6.67 8.10 19.03
CA LEU D 99 6.49 8.34 20.45
C LEU D 99 5.65 9.56 20.61
N SER D 100 4.63 9.41 21.42
CA SER D 100 3.73 10.44 21.74
C SER D 100 3.66 10.51 23.26
N GLY D 101 3.65 11.73 23.75
CA GLY D 101 3.51 11.96 25.18
C GLY D 101 2.29 11.33 25.79
N ARG D 102 1.31 11.01 24.94
CA ARG D 102 0.03 10.47 25.37
C ARG D 102 0.14 9.05 25.97
N TYR D 103 1.17 8.29 25.61
CA TYR D 103 1.31 6.91 26.10
C TYR D 103 2.53 6.69 27.00
N SER D 104 3.57 7.49 26.80
CA SER D 104 4.81 7.40 27.56
C SER D 104 5.49 8.79 27.63
N LYS D 105 6.51 8.94 28.45
CA LYS D 105 7.10 10.27 28.66
C LYS D 105 7.98 10.73 27.47
N LEU D 106 7.97 12.04 27.22
CA LEU D 106 8.80 12.67 26.22
C LEU D 106 10.06 13.19 26.89
N SER D 107 11.17 13.19 26.17
CA SER D 107 12.39 13.82 26.61
C SER D 107 12.79 14.71 25.44
N TYR D 108 13.65 15.68 25.69
CA TYR D 108 14.04 16.65 24.68
C TYR D 108 15.54 16.61 24.53
N GLU D 109 15.98 16.01 23.43
CA GLU D 109 17.37 15.88 23.08
C GLU D 109 17.57 16.27 21.64
N PHE D 110 18.75 16.80 21.35
CA PHE D 110 19.06 17.38 20.04
C PHE D 110 20.33 16.88 19.39
N TYR D 111 20.30 16.77 18.07
CA TYR D 111 21.46 16.33 17.32
C TYR D 111 22.40 17.51 17.07
N ILE D 112 23.55 17.45 17.71
CA ILE D 112 24.58 18.46 17.52
C ILE D 112 25.68 17.78 16.74
N PRO D 113 25.88 18.17 15.46
CA PRO D 113 26.94 17.61 14.62
C PRO D 113 28.36 17.80 15.18
N SER D 114 29.23 16.84 14.94
CA SER D 114 30.59 16.97 15.41
C SER D 114 31.34 17.83 14.41
N PRO D 115 32.39 18.49 14.86
CA PRO D 115 33.22 19.28 13.96
C PRO D 115 33.78 18.49 12.79
N GLU D 116 34.06 17.21 13.00
CA GLU D 116 34.57 16.30 11.94
C GLU D 116 33.59 16.19 10.79
N ARG D 117 32.32 16.16 11.16
CA ARG D 117 31.20 16.08 10.24
C ARG D 117 31.19 17.20 9.20
N LEU D 118 31.79 18.35 9.55
CA LEU D 118 31.83 19.50 8.63
C LEU D 118 33.21 19.69 8.01
N GLU D 119 34.22 19.02 8.56
CA GLU D 119 35.45 18.80 7.83
C GLU D 119 35.08 18.03 6.56
N GLY D 120 35.64 18.46 5.46
CA GLY D 120 35.12 18.18 4.14
C GLY D 120 35.01 19.56 3.51
N TYR D 121 34.05 20.32 4.03
CA TYR D 121 33.75 21.65 3.48
C TYR D 121 34.70 22.71 4.02
N LYS D 122 34.89 23.75 3.23
CA LYS D 122 35.89 24.76 3.54
C LYS D 122 35.22 26.05 3.93
N THR D 123 34.84 26.12 5.19
CA THR D 123 34.03 27.20 5.70
C THR D 123 34.80 28.37 6.27
N THR D 124 34.18 29.55 6.27
CA THR D 124 34.76 30.83 6.82
C THR D 124 35.04 30.76 8.32
N ILE D 125 34.35 29.84 8.97
CA ILE D 125 34.24 29.82 10.41
C ILE D 125 34.70 28.41 10.80
N PRO D 126 35.56 28.29 11.82
CA PRO D 126 36.02 26.94 12.11
C PRO D 126 34.86 25.96 12.36
N PRO D 127 35.08 24.66 12.07
CA PRO D 127 34.07 23.64 12.29
C PRO D 127 33.45 23.66 13.71
N GLU D 128 34.27 23.92 14.71
CA GLU D 128 33.84 23.91 16.10
C GLU D 128 32.88 25.07 16.43
N ARG D 129 33.06 26.16 15.70
CA ARG D 129 32.19 27.33 15.80
C ARG D 129 30.81 27.08 15.15
N VAL D 130 30.77 26.21 14.13
CA VAL D 130 29.50 25.78 13.54
C VAL D 130 28.69 24.96 14.52
N THR D 131 29.37 23.99 15.13
CA THR D 131 28.80 23.16 16.20
C THR D 131 28.22 24.03 17.29
N GLU D 132 29.04 24.98 17.74
CA GLU D 132 28.65 25.86 18.83
C GLU D 132 27.43 26.69 18.48
N LYS D 133 27.43 27.30 17.29
CA LYS D 133 26.21 28.01 16.82
C LYS D 133 24.97 27.14 16.78
N ILE D 134 25.09 25.87 16.36
CA ILE D 134 23.94 24.96 16.34
C ILE D 134 23.45 24.68 17.79
N SER D 135 24.40 24.38 18.67
CA SER D 135 24.14 24.23 20.10
C SER D 135 23.45 25.46 20.71
N GLU D 136 23.94 26.65 20.38
CA GLU D 136 23.34 27.89 20.89
C GLU D 136 21.86 28.01 20.53
N ILE D 137 21.52 27.77 19.25
CA ILE D 137 20.12 27.85 18.83
C ILE D 137 19.23 26.87 19.58
N VAL D 138 19.75 25.66 19.74
CA VAL D 138 19.08 24.59 20.45
C VAL D 138 18.78 25.06 21.84
N ASP D 139 19.77 25.60 22.54
CA ASP D 139 19.50 26.06 23.85
C ASP D 139 18.50 27.22 23.93
N LYS D 140 18.57 28.17 23.02
CA LYS D 140 17.63 29.29 23.03
C LYS D 140 16.22 28.87 22.66
N ALA D 141 16.10 28.01 21.65
CA ALA D 141 14.81 27.50 21.24
C ALA D 141 14.17 26.67 22.37
N TYR D 142 14.94 25.80 23.00
CA TYR D 142 14.45 24.98 24.12
C TYR D 142 14.09 25.80 25.36
N ARG D 143 14.93 26.79 25.69
CA ARG D 143 14.56 27.75 26.74
C ARG D 143 13.26 28.48 26.41
N THR D 144 13.08 28.93 25.16
CA THR D 144 11.82 29.62 24.81
C THR D 144 10.62 28.67 24.95
N TYR D 145 10.77 27.43 24.48
CA TYR D 145 9.73 26.40 24.63
C TYR D 145 9.27 26.25 26.09
N LEU D 146 10.25 26.11 26.98
CA LEU D 146 9.98 25.98 28.40
C LEU D 146 9.31 27.21 28.97
N GLU D 147 9.77 28.40 28.58
CA GLU D 147 9.11 29.64 29.03
C GLU D 147 7.65 29.67 28.59
N LEU D 148 7.39 29.25 27.36
CA LEU D 148 6.01 29.17 26.84
C LEU D 148 5.16 28.14 27.61
N ILE D 149 5.73 26.97 27.90
CA ILE D 149 5.02 25.97 28.70
C ILE D 149 4.63 26.54 30.07
N GLU D 150 5.59 27.15 30.76
CA GLU D 150 5.36 27.64 32.11
C GLU D 150 4.25 28.72 32.17
N SER D 151 4.14 29.48 31.09
CA SER D 151 3.17 30.56 30.96
C SER D 151 1.78 30.11 30.54
N GLY D 152 1.61 28.82 30.24
CA GLY D 152 0.29 28.30 29.93
C GLY D 152 0.02 28.04 28.45
N VAL D 153 1.05 28.10 27.60
CA VAL D 153 0.89 27.71 26.20
C VAL D 153 1.00 26.19 26.12
N PRO D 154 -0.02 25.53 25.53
CA PRO D 154 0.08 24.10 25.53
C PRO D 154 1.26 23.59 24.72
N ARG D 155 1.73 22.42 25.15
CA ARG D 155 2.89 21.78 24.64
C ARG D 155 2.81 21.66 23.11
N ARG D 156 1.64 21.25 22.63
CA ARG D 156 1.46 21.00 21.21
C ARG D 156 1.71 22.28 20.38
N VAL D 157 1.43 23.44 20.98
CA VAL D 157 1.68 24.74 20.32
C VAL D 157 3.11 25.25 20.52
N ALA D 158 3.59 25.18 21.76
CA ALA D 158 4.92 25.64 22.12
C ALA D 158 6.03 24.96 21.31
N ARG D 159 5.87 23.68 20.99
CA ARG D 159 6.97 22.90 20.38
C ARG D 159 7.29 23.30 18.96
N ILE D 160 6.45 24.13 18.36
CA ILE D 160 6.67 24.55 16.99
C ILE D 160 7.92 25.45 16.87
N VAL D 161 8.44 25.97 18.00
CA VAL D 161 9.68 26.72 17.95
C VAL D 161 10.93 25.86 18.01
N LEU D 162 10.77 24.57 18.29
CA LEU D 162 11.94 23.70 18.38
C LEU D 162 12.51 23.33 17.01
N PRO D 163 13.83 23.15 16.94
CA PRO D 163 14.50 22.89 15.66
C PRO D 163 14.32 21.45 15.16
N LEU D 164 14.55 21.30 13.87
CA LEU D 164 14.45 20.04 13.16
C LEU D 164 15.46 19.00 13.61
N ASN D 165 16.46 19.39 14.40
CA ASN D 165 17.38 18.40 14.94
C ASN D 165 16.93 17.79 16.29
N LEU D 166 15.77 18.17 16.80
CA LEU D 166 15.11 17.46 17.91
C LEU D 166 14.96 15.95 17.60
N TYR D 167 15.37 15.14 18.56
CA TYR D 167 15.27 13.70 18.44
C TYR D 167 13.85 13.20 18.66
N THR D 168 13.47 12.25 17.83
CA THR D 168 12.25 11.50 18.04
C THR D 168 12.57 10.00 18.04
N ARG D 169 11.61 9.22 18.50
CA ARG D 169 11.70 7.75 18.48
C ARG D 169 10.46 7.16 17.83
N PHE D 170 10.65 6.02 17.19
CA PHE D 170 9.61 5.31 16.52
C PHE D 170 9.95 3.85 16.40
N PHE D 171 8.88 3.05 16.30
CA PHE D 171 8.97 1.67 15.89
C PHE D 171 8.63 1.62 14.41
N TRP D 172 9.39 0.79 13.71
CA TRP D 172 9.29 0.62 12.28
C TRP D 172 9.24 -0.85 12.00
N THR D 173 8.10 -1.33 11.52
CA THR D 173 7.98 -2.73 11.09
C THR D 173 7.97 -2.76 9.54
N VAL D 174 8.80 -3.61 8.98
CA VAL D 174 9.09 -3.56 7.55
C VAL D 174 9.48 -4.96 7.10
N ASN D 175 9.03 -5.34 5.92
CA ASN D 175 9.46 -6.59 5.36
C ASN D 175 10.77 -6.43 4.59
N ALA D 176 11.46 -7.55 4.34
CA ALA D 176 12.78 -7.52 3.68
C ALA D 176 12.78 -6.90 2.31
N ARG D 177 11.70 -7.10 1.56
CA ARG D 177 11.57 -6.48 0.28
C ARG D 177 11.57 -4.95 0.43
N SER D 178 10.72 -4.43 1.30
CA SER D 178 10.65 -2.99 1.44
C SER D 178 11.99 -2.43 2.03
N LEU D 179 12.66 -3.25 2.82
CA LEU D 179 13.93 -2.92 3.44
C LEU D 179 15.01 -2.82 2.36
N MET D 180 14.98 -3.72 1.36
CA MET D 180 15.91 -3.60 0.28
C MET D 180 15.69 -2.34 -0.57
N ASN D 181 14.44 -1.94 -0.79
CA ASN D 181 14.15 -0.69 -1.48
C ASN D 181 14.69 0.52 -0.65
N PHE D 182 14.37 0.55 0.66
CA PHE D 182 14.93 1.54 1.62
C PHE D 182 16.44 1.69 1.49
N LEU D 183 17.12 0.55 1.51
CA LEU D 183 18.57 0.54 1.43
C LEU D 183 19.05 1.06 0.07
N ASN D 184 18.36 0.71 -1.01
CA ASN D 184 18.74 1.24 -2.34
C ASN D 184 18.76 2.74 -2.46
N LEU D 185 17.84 3.39 -1.74
CA LEU D 185 17.66 4.85 -1.79
C LEU D 185 18.47 5.60 -0.72
N ARG D 186 18.62 4.99 0.45
CA ARG D 186 19.26 5.66 1.60
C ARG D 186 20.72 5.23 1.86
N ALA D 187 21.03 3.95 1.62
CA ALA D 187 22.39 3.46 1.82
C ALA D 187 23.15 3.79 0.54
N ASP D 188 23.38 5.09 0.34
CA ASP D 188 23.94 5.64 -0.89
C ASP D 188 24.62 7.00 -0.61
N SER D 189 25.68 7.29 -1.33
CA SER D 189 26.46 8.48 -1.02
C SER D 189 25.76 9.76 -1.44
N HIS D 190 24.57 9.67 -2.02
CA HIS D 190 23.80 10.87 -2.39
C HIS D 190 22.79 11.23 -1.32
N ALA D 191 22.40 10.26 -0.49
CA ALA D 191 21.55 10.56 0.63
C ALA D 191 22.39 11.39 1.57
N GLN D 192 21.72 12.12 2.45
CA GLN D 192 22.45 13.00 3.34
C GLN D 192 23.23 12.08 4.26
N TRP D 193 24.26 12.58 4.90
CA TRP D 193 25.16 11.71 5.66
C TRP D 193 24.45 11.07 6.88
N GLU D 194 23.58 11.83 7.54
CA GLU D 194 22.92 11.35 8.73
C GLU D 194 22.07 10.13 8.36
N ILE D 195 21.26 10.19 7.30
CA ILE D 195 20.48 9.02 6.95
C ILE D 195 21.36 7.86 6.42
N GLN D 196 22.52 8.13 5.83
CA GLN D 196 23.42 7.05 5.44
C GLN D 196 23.80 6.20 6.67
N GLN D 197 24.14 6.88 7.77
CA GLN D 197 24.59 6.18 8.99
C GLN D 197 23.52 5.27 9.52
N TYR D 198 22.28 5.76 9.61
CA TYR D 198 21.13 4.92 9.98
C TYR D 198 20.95 3.75 9.01
N ALA D 199 20.91 4.05 7.71
CA ALA D 199 20.88 2.99 6.68
C ALA D 199 21.96 1.90 6.88
N LEU D 200 23.20 2.30 7.17
CA LEU D 200 24.28 1.34 7.43
C LEU D 200 23.94 0.44 8.61
N ALA D 201 23.32 1.03 9.62
CA ALA D 201 22.99 0.25 10.81
C ALA D 201 21.88 -0.76 10.46
N ILE D 202 20.84 -0.28 9.78
CA ILE D 202 19.74 -1.14 9.30
C ILE D 202 20.32 -2.30 8.47
N ALA D 203 21.23 -1.97 7.56
CA ALA D 203 21.90 -3.00 6.77
C ALA D 203 22.64 -4.03 7.61
N ARG D 204 23.32 -3.59 8.67
CA ARG D 204 24.09 -4.54 9.49
C ARG D 204 23.22 -5.55 10.20
N ILE D 205 22.10 -5.09 10.72
CA ILE D 205 21.16 -5.97 11.39
C ILE D 205 20.52 -6.98 10.44
N PHE D 206 20.09 -6.47 9.29
CA PHE D 206 19.55 -7.29 8.21
C PHE D 206 20.57 -8.35 7.79
N LYS D 207 21.81 -7.96 7.56
CA LYS D 207 22.88 -8.90 7.26
C LYS D 207 23.04 -9.96 8.35
N GLU D 208 22.88 -9.57 9.61
CA GLU D 208 23.10 -10.54 10.70
C GLU D 208 21.97 -11.59 10.71
N LYS D 209 20.74 -11.15 10.47
CA LYS D 209 19.60 -12.03 10.51
C LYS D 209 19.36 -12.82 9.22
N CYS D 210 19.72 -12.25 8.06
CA CYS D 210 19.45 -12.89 6.78
C CYS D 210 20.68 -12.77 5.89
N PRO D 211 21.75 -13.53 6.21
CA PRO D 211 23.01 -13.34 5.49
C PRO D 211 22.95 -13.72 4.00
N TRP D 212 22.18 -14.73 3.63
CA TRP D 212 22.18 -15.19 2.24
C TRP D 212 21.41 -14.17 1.39
N THR D 213 20.28 -13.71 1.90
CA THR D 213 19.48 -12.69 1.24
C THR D 213 20.28 -11.42 1.09
N PHE D 214 21.00 -11.03 2.14
CA PHE D 214 21.79 -9.79 2.07
C PHE D 214 22.89 -9.90 1.05
N GLU D 215 23.58 -11.03 1.05
CA GLU D 215 24.66 -11.28 0.10
C GLU D 215 24.13 -11.32 -1.33
N ALA D 216 23.00 -12.01 -1.55
CA ALA D 216 22.39 -12.04 -2.88
C ALA D 216 21.97 -10.60 -3.32
N PHE D 217 21.40 -9.85 -2.38
CA PHE D 217 21.03 -8.43 -2.60
C PHE D 217 22.20 -7.55 -3.05
N LEU D 218 23.32 -7.59 -2.32
CA LEU D 218 24.52 -6.84 -2.74
C LEU D 218 24.93 -7.25 -4.14
N LYS D 219 24.84 -8.55 -4.38
CA LYS D 219 25.39 -9.15 -5.58
C LYS D 219 24.56 -8.75 -6.82
N TYR D 220 23.24 -8.87 -6.74
CA TYR D 220 22.37 -8.70 -7.92
C TYR D 220 21.51 -7.43 -8.00
N ALA D 221 21.00 -6.99 -6.88
CA ALA D 221 19.95 -5.98 -6.87
C ALA D 221 20.48 -4.65 -6.43
N TYR D 222 21.39 -4.62 -5.45
CA TYR D 222 21.75 -3.35 -4.80
C TYR D 222 22.28 -2.31 -5.79
N LYS D 223 21.64 -1.13 -5.76
CA LYS D 223 21.90 -0.07 -6.78
C LYS D 223 22.81 1.05 -6.27
N GLY D 224 23.12 0.99 -4.98
CA GLY D 224 23.89 2.04 -4.30
C GLY D 224 25.35 1.71 -4.22
N ASP D 225 26.06 2.41 -3.33
CA ASP D 225 27.53 2.28 -3.28
C ASP D 225 28.03 1.93 -1.86
N ILE D 226 27.62 2.69 -0.86
CA ILE D 226 28.26 2.59 0.46
C ILE D 226 28.25 1.20 1.15
N LEU D 227 27.38 0.28 0.75
CA LEU D 227 27.44 -1.07 1.30
C LEU D 227 28.54 -1.92 0.65
N LYS D 228 29.10 -1.46 -0.47
CA LYS D 228 30.21 -2.17 -1.13
C LYS D 228 31.61 -1.67 -0.70
N GLU D 229 31.61 -0.56 0.05
CA GLU D 229 32.75 -0.11 0.85
C GLU D 229 32.37 -0.50 2.31
N VAL D 230 32.61 0.36 3.31
CA VAL D 230 32.31 0.05 4.73
C VAL D 230 31.25 -1.05 4.93
PA FAD E . -2.96 5.40 5.81
O1A FAD E . -3.36 6.13 4.48
O2A FAD E . -1.65 5.38 6.61
O5B FAD E . -3.71 4.00 5.74
C5B FAD E . -5.07 4.11 5.31
C4B FAD E . -5.76 2.79 5.47
O4B FAD E . -4.91 1.80 4.90
C3B FAD E . -5.97 2.44 6.92
O3B FAD E . -7.32 2.75 7.25
C2B FAD E . -5.62 0.96 6.98
O2B FAD E . -6.82 0.18 6.91
C1B FAD E . -4.80 0.68 5.73
N9A FAD E . -3.36 0.40 5.84
C8A FAD E . -2.36 1.03 5.16
N7A FAD E . -1.17 0.46 5.41
C5A FAD E . -1.40 -0.57 6.27
C6A FAD E . -0.63 -1.53 6.89
N6A FAD E . 0.70 -1.54 6.68
N1A FAD E . -1.22 -2.41 7.68
C2A FAD E . -2.56 -2.47 7.94
N3A FAD E . -3.40 -1.57 7.36
C4A FAD E . -2.86 -0.62 6.53
C1' FAD E . -1.50 9.86 14.22
C2' FAD E . -2.08 8.64 13.51
O2' FAD E . -1.84 7.41 14.20
C3' FAD E . -1.53 8.40 12.11
O3' FAD E . -1.26 9.64 11.47
C4' FAD E . -2.62 7.68 11.38
O4' FAD E . -3.11 6.72 12.31
C5' FAD E . -2.27 6.95 10.09
O5' FAD E . -3.54 6.77 9.42
P FAD E . -3.93 5.50 8.46
O1P FAD E . -2.87 4.45 8.67
O2P FAD E . -5.41 5.17 8.79
O3P FAD E . -3.89 6.12 6.97
PA FAD F . 2.38 -4.62 -6.85
O1A FAD F . 1.53 -3.50 -7.53
O2A FAD F . 1.80 -5.74 -6.01
O5B FAD F . 3.52 -3.77 -6.10
C5B FAD F . 4.20 -2.74 -6.81
C4B FAD F . 5.46 -2.29 -6.05
O4B FAD F . 5.11 -1.99 -4.70
C3B FAD F . 6.56 -3.33 -6.00
O3B FAD F . 7.60 -2.92 -6.88
C2B FAD F . 7.02 -3.34 -4.54
O2B FAD F . 8.28 -2.63 -4.49
C1B FAD F . 5.94 -2.61 -3.74
N9A FAD F . 5.05 -3.34 -2.79
C8A FAD F . 3.69 -3.38 -2.82
N7A FAD F . 3.17 -4.06 -1.77
C5A FAD F . 4.25 -4.46 -1.02
C6A FAD F . 4.43 -5.16 0.16
N6A FAD F . 3.34 -5.64 0.84
N1A FAD F . 5.69 -5.36 0.62
C2A FAD F . 6.80 -4.91 -0.01
N3A FAD F . 6.71 -4.19 -1.15
C4A FAD F . 5.46 -3.96 -1.70
N1 FAD F . 3.45 -14.98 -8.18
C2 FAD F . 3.45 -15.98 -7.41
O2 FAD F . 2.80 -15.88 -6.37
N3 FAD F . 4.09 -17.14 -7.71
C4 FAD F . 4.81 -17.33 -8.85
O4 FAD F . 5.41 -18.37 -9.11
C4X FAD F . 4.91 -16.21 -9.84
N5 FAD F . 5.61 -16.27 -11.10
C5X FAD F . 5.57 -15.08 -11.94
C6 FAD F . 6.32 -15.09 -13.28
C7 FAD F . 6.26 -13.84 -14.13
C7M FAD F . 6.99 -13.80 -15.47
C8 FAD F . 5.48 -12.65 -13.61
C8M FAD F . 5.37 -11.38 -14.41
C9 FAD F . 4.83 -12.67 -12.42
C9A FAD F . 4.81 -13.82 -11.50
N10 FAD F . 4.15 -13.78 -10.38
C10 FAD F . 4.14 -14.94 -9.47
C1' FAD F . 3.40 -12.59 -9.92
C2' FAD F . 4.45 -11.75 -9.17
O2' FAD F . 5.07 -12.53 -8.14
C3' FAD F . 3.86 -10.49 -8.53
O3' FAD F . 2.93 -10.83 -7.49
C4' FAD F . 3.11 -9.63 -9.53
O4' FAD F . 3.91 -9.53 -10.72
C5' FAD F . 2.86 -8.25 -8.94
O5' FAD F . 4.13 -7.63 -8.82
P FAD F . 4.46 -6.46 -7.76
O1P FAD F . 4.48 -7.17 -6.42
O2P FAD F . 5.71 -5.76 -8.29
O3P FAD F . 3.23 -5.40 -7.99
PA FAD G . -7.48 -4.38 1.51
O1A FAD G . -6.44 -5.22 2.36
O2A FAD G . -7.52 -4.30 0.00
O5B FAD G . -7.41 -2.90 2.15
C5B FAD G . -7.52 -2.78 3.58
C4B FAD G . -7.78 -1.30 3.84
O4B FAD G . -6.68 -0.59 3.26
C3B FAD G . -9.02 -0.76 3.13
O3B FAD G . -10.19 -0.87 3.94
C2B FAD G . -8.61 0.65 2.72
O2B FAD G . -8.80 1.67 3.72
C1B FAD G . -7.12 0.53 2.50
N9A FAD G . -6.64 0.54 1.08
C8A FAD G . -5.82 -0.36 0.46
N7A FAD G . -5.51 0.05 -0.81
C5A FAD G . -6.18 1.24 -1.01
C6A FAD G . -6.30 2.17 -2.06
N6A FAD G . -5.68 1.98 -3.25
N1A FAD G . -7.05 3.27 -1.87
C2A FAD G . -7.68 3.55 -0.71
N3A FAD G . -7.63 2.70 0.35
C4A FAD G . -6.90 1.55 0.25
N1 FAD G . -15.26 -6.60 -5.37
C2 FAD G . -15.62 -6.30 -6.56
O2 FAD G . -14.74 -5.90 -7.32
N3 FAD G . -16.90 -6.41 -7.00
C4 FAD G . -17.91 -6.84 -6.19
O4 FAD G . -19.06 -6.93 -6.56
C4X FAD G . -17.62 -7.23 -4.79
N5 FAD G . -18.61 -7.70 -3.86
C5X FAD G . -18.12 -8.04 -2.53
C6 FAD G . -19.14 -8.55 -1.51
C7 FAD G . -18.65 -8.91 -0.12
C7M FAD G . -19.67 -9.44 0.89
C8 FAD G . -17.17 -8.73 0.19
C8M FAD G . -16.61 -9.07 1.55
C9 FAD G . -16.30 -8.28 -0.73
C9A FAD G . -16.67 -7.91 -2.13
N10 FAD G . -15.78 -7.48 -2.98
C10 FAD G . -16.19 -7.11 -4.35
C1' FAD G . -14.36 -7.31 -2.64
C2' FAD G . -14.28 -5.96 -1.90
O2' FAD G . -14.74 -4.94 -2.79
C3' FAD G . -12.86 -5.60 -1.44
O3' FAD G . -11.99 -5.49 -2.57
C4' FAD G . -12.28 -6.64 -0.51
O4' FAD G . -13.25 -6.91 0.54
C5' FAD G . -10.97 -6.10 0.09
O5' FAD G . -11.32 -5.14 1.10
P FAD G . -10.35 -3.88 1.41
O1P FAD G . -10.06 -3.11 0.13
O2P FAD G . -10.99 -3.16 2.57
O3P FAD G . -9.03 -4.71 1.93
PA FAD H . 7.80 3.47 -0.67
O1A FAD H . 8.20 2.44 0.45
O2A FAD H . 6.92 4.66 -0.36
O5B FAD H . 7.16 2.55 -1.86
C5B FAD H . 7.91 1.36 -2.16
C4B FAD H . 7.75 0.95 -3.61
O4B FAD H . 6.35 0.69 -3.75
C3B FAD H . 8.11 2.04 -4.62
O3B FAD H . 9.29 1.80 -5.38
C2B FAD H . 6.94 2.05 -5.59
O2B FAD H . 7.17 1.25 -6.76
C1B FAD H . 5.81 1.41 -4.85
N9A FAD H . 4.72 2.33 -4.41
C8A FAD H . 4.30 2.57 -3.16
N7A FAD H . 3.21 3.35 -3.16
C5A FAD H . 2.93 3.64 -4.45
C6A FAD H . 1.96 4.42 -5.09
N6A FAD H . 1.01 5.06 -4.35
N1A FAD H . 1.97 4.47 -6.43
C2A FAD H . 2.90 3.81 -7.17
N3A FAD H . 3.89 3.05 -6.61
C4A FAD H . 3.93 2.95 -5.26
N1 FAD H . 10.74 13.33 -3.24
C2 FAD H . 10.24 14.46 -3.02
O2 FAD H . 9.19 14.49 -2.34
N3 FAD H . 10.83 15.61 -3.46
C4 FAD H . 11.98 15.66 -4.22
O4 FAD H . 12.49 16.70 -4.65
C4X FAD H . 12.65 14.39 -4.55
N5 FAD H . 13.86 14.26 -5.34
C5X FAD H . 14.34 12.92 -5.54
C6 FAD H . 15.61 12.77 -6.35
C7 FAD H . 16.09 11.34 -6.57
C7M FAD H . 17.36 11.12 -7.38
C8 FAD H . 15.31 10.19 -5.97
C8M FAD H . 15.77 8.78 -6.16
C9 FAD H . 14.19 10.37 -5.25
C9A FAD H . 13.61 11.70 -4.98
N10 FAD H . 12.52 11.83 -4.29
C10 FAD H . 11.97 13.15 -4.02
C1' FAD H . 11.74 10.70 -3.73
C2' FAD H . 12.13 10.54 -2.28
O2' FAD H . 13.34 9.80 -2.30
C3' FAD H . 11.07 9.80 -1.45
O3' FAD H . 11.36 10.11 -0.08
C4' FAD H . 11.13 8.28 -1.65
O4' FAD H . 11.61 7.96 -2.96
C5' FAD H . 9.85 7.46 -1.53
O5' FAD H . 10.33 6.15 -1.94
P FAD H . 9.45 4.92 -2.52
O1P FAD H . 8.16 5.57 -2.99
O2P FAD H . 10.34 4.10 -3.41
O3P FAD H . 9.20 3.99 -1.25
#